data_3TD4
#
_entry.id   3TD4
#
_cell.length_a   57.873
_cell.length_b   98.225
_cell.length_c   98.438
_cell.angle_alpha   90.00
_cell.angle_beta   105.51
_cell.angle_gamma   90.00
#
_symmetry.space_group_name_H-M   'P 1 21 1'
#
loop_
_entity.id
_entity.type
_entity.pdbx_description
1 polymer 'Outer membrane protein omp38'
2 non-polymer '2,6-DIAMINOPIMELIC ACID'
3 water water
#
_entity_poly.entity_id   1
_entity_poly.type   'polypeptide(L)'
_entity_poly.pdbx_seq_one_letter_code
;GSHMELTEDLNMELRVFFDTNKSNIKDQYKPEIAKVAEKLSEYPNATARIEGHTDNTGPRKLNERLSLARANSVKSALVN
EYNVDASRLSTQGFAWDQPIADNKTKEGRAMNRRVFATITGSR
;
_entity_poly.pdbx_strand_id   A,B,C,D,E,F,G,H
#
# COMPACT_ATOMS: atom_id res chain seq x y z
N SER A 2 -16.98 34.69 18.79
CA SER A 2 -18.34 34.96 18.25
C SER A 2 -19.37 34.30 19.20
N HIS A 3 -20.63 34.31 18.80
CA HIS A 3 -21.64 33.97 19.78
C HIS A 3 -22.14 32.54 19.58
N MET A 4 -21.35 31.71 18.85
CA MET A 4 -21.87 30.35 18.48
C MET A 4 -20.78 29.30 18.44
N GLU A 5 -21.09 28.12 18.92
CA GLU A 5 -20.16 26.99 18.89
C GLU A 5 -20.95 25.98 18.08
N LEU A 6 -20.31 25.30 17.16
CA LEU A 6 -21.03 24.36 16.32
C LEU A 6 -20.09 23.21 16.15
N THR A 7 -20.56 22.01 16.45
CA THR A 7 -19.69 20.86 16.17
C THR A 7 -20.53 19.80 15.50
N GLU A 8 -19.94 19.14 14.54
CA GLU A 8 -20.58 17.96 13.93
C GLU A 8 -19.57 16.84 14.14
N ASP A 9 -20.00 15.75 14.76
CA ASP A 9 -19.10 14.63 15.04
C ASP A 9 -19.45 13.50 14.12
N LEU A 10 -18.43 12.94 13.49
CA LEU A 10 -18.60 11.79 12.63
C LEU A 10 -18.14 10.52 13.33
N ASN A 11 -18.93 9.43 13.20
CA ASN A 11 -18.51 8.08 13.70
C ASN A 11 -18.82 7.11 12.63
N MET A 12 -17.85 6.41 12.06
CA MET A 12 -18.17 5.61 10.94
C MET A 12 -17.42 4.29 11.23
N GLU A 13 -18.04 3.20 10.75
CA GLU A 13 -17.45 1.86 10.91
C GLU A 13 -17.42 1.25 9.56
N LEU A 14 -16.24 0.71 9.19
CA LEU A 14 -16.07 -0.03 7.93
C LEU A 14 -15.69 -1.48 8.22
N ARG A 15 -16.25 -2.43 7.47
CA ARG A 15 -15.82 -3.83 7.59
C ARG A 15 -15.48 -4.33 6.18
N VAL A 16 -14.29 -4.95 6.01
CA VAL A 16 -13.87 -5.42 4.78
C VAL A 16 -13.47 -6.91 5.02
N PHE A 17 -13.83 -7.84 4.14
CA PHE A 17 -13.42 -9.23 4.45
C PHE A 17 -12.60 -9.77 3.31
N PHE A 18 -11.79 -10.81 3.58
CA PHE A 18 -10.80 -11.19 2.62
C PHE A 18 -10.85 -12.66 2.28
N ASP A 19 -10.32 -13.00 1.13
CA ASP A 19 -10.21 -14.43 0.79
C ASP A 19 -9.05 -15.05 1.55
N THR A 20 -9.08 -16.35 1.77
CA THR A 20 -7.93 -16.98 2.46
C THR A 20 -6.60 -16.71 1.83
N ASN A 21 -5.62 -16.41 2.72
CA ASN A 21 -4.28 -16.05 2.38
C ASN A 21 -4.10 -14.76 1.54
N LYS A 22 -5.16 -13.92 1.41
CA LYS A 22 -5.11 -12.80 0.49
C LYS A 22 -5.33 -11.51 1.31
N SER A 23 -4.65 -10.45 0.86
CA SER A 23 -4.88 -9.11 1.49
C SER A 23 -5.40 -8.10 0.44
N ASN A 24 -5.81 -8.55 -0.73
CA ASN A 24 -6.40 -7.64 -1.68
C ASN A 24 -7.83 -7.19 -1.31
N ILE A 25 -8.16 -5.99 -1.73
CA ILE A 25 -9.53 -5.49 -1.58
C ILE A 25 -10.42 -5.99 -2.69
N LYS A 26 -11.42 -6.77 -2.32
CA LYS A 26 -12.31 -7.27 -3.33
C LYS A 26 -13.32 -6.20 -3.79
N ASP A 27 -13.78 -6.31 -5.04
CA ASP A 27 -14.54 -5.23 -5.64
C ASP A 27 -15.75 -4.81 -4.91
N GLN A 28 -16.50 -5.74 -4.36
CA GLN A 28 -17.64 -5.38 -3.55
C GLN A 28 -17.36 -4.43 -2.36
N TYR A 29 -16.09 -4.34 -1.91
CA TYR A 29 -15.72 -3.42 -0.80
C TYR A 29 -15.39 -2.01 -1.27
N LYS A 30 -15.15 -1.84 -2.57
CA LYS A 30 -14.71 -0.56 -3.10
C LYS A 30 -15.70 0.56 -2.95
N PRO A 31 -17.03 0.33 -3.18
CA PRO A 31 -17.94 1.43 -2.90
C PRO A 31 -17.89 1.91 -1.42
N GLU A 32 -17.59 1.01 -0.47
CA GLU A 32 -17.53 1.44 0.91
C GLU A 32 -16.26 2.21 1.23
N ILE A 33 -15.17 1.79 0.63
CA ILE A 33 -13.92 2.48 0.87
C ILE A 33 -14.06 3.89 0.27
N ALA A 34 -14.78 4.06 -0.84
CA ALA A 34 -14.93 5.36 -1.46
C ALA A 34 -15.76 6.24 -0.54
N LYS A 35 -16.77 5.68 0.13
CA LYS A 35 -17.61 6.47 0.99
C LYS A 35 -16.84 6.91 2.24
N VAL A 36 -15.94 6.05 2.71
CA VAL A 36 -15.00 6.42 3.77
C VAL A 36 -14.07 7.59 3.35
N ALA A 37 -13.59 7.55 2.12
CA ALA A 37 -12.65 8.59 1.65
C ALA A 37 -13.43 9.89 1.52
N GLU A 38 -14.67 9.75 1.02
CA GLU A 38 -15.57 10.94 0.96
C GLU A 38 -15.75 11.61 2.32
N LYS A 39 -16.09 10.89 3.39
CA LYS A 39 -16.18 11.49 4.74
C LYS A 39 -14.87 11.99 5.28
N LEU A 40 -13.73 11.33 4.97
CA LEU A 40 -12.45 11.82 5.45
C LEU A 40 -12.13 13.17 4.79
N SER A 41 -12.66 13.39 3.59
CA SER A 41 -12.53 14.68 2.94
C SER A 41 -13.46 15.76 3.60
N GLU A 42 -14.68 15.39 3.93
CA GLU A 42 -15.73 16.34 4.46
C GLU A 42 -15.41 16.64 5.92
N TYR A 43 -14.65 15.75 6.56
CA TYR A 43 -14.16 15.97 7.95
C TYR A 43 -12.65 15.84 7.90
N PRO A 44 -11.95 16.92 7.47
CA PRO A 44 -10.51 16.81 7.19
C PRO A 44 -9.71 16.60 8.45
N ASN A 45 -10.29 16.75 9.65
CA ASN A 45 -9.57 16.37 10.87
C ASN A 45 -9.80 14.95 11.41
N ALA A 46 -10.65 14.17 10.71
CA ALA A 46 -11.05 12.84 11.20
C ALA A 46 -9.83 11.92 11.00
N THR A 47 -9.75 10.89 11.84
CA THR A 47 -8.68 9.89 11.61
C THR A 47 -9.31 8.49 11.57
N ALA A 48 -8.52 7.50 11.16
CA ALA A 48 -9.09 6.16 11.06
C ALA A 48 -8.19 5.19 11.82
N ARG A 49 -8.78 4.27 12.53
CA ARG A 49 -7.98 3.20 13.23
C ARG A 49 -8.34 1.95 12.46
N ILE A 50 -7.38 1.32 11.80
CA ILE A 50 -7.71 0.27 10.80
C ILE A 50 -7.03 -0.98 11.42
N GLU A 51 -7.83 -2.05 11.66
CA GLU A 51 -7.27 -3.24 12.36
C GLU A 51 -7.52 -4.46 11.51
N GLY A 52 -6.50 -5.28 11.25
CA GLY A 52 -6.65 -6.46 10.39
C GLY A 52 -6.47 -7.75 11.20
N HIS A 53 -7.01 -8.85 10.66
CA HIS A 53 -7.20 -10.06 11.43
C HIS A 53 -7.15 -11.19 10.47
N THR A 54 -6.91 -12.37 11.03
CA THR A 54 -6.94 -13.57 10.22
C THR A 54 -7.82 -14.59 10.89
N ASP A 55 -8.11 -15.68 10.14
CA ASP A 55 -8.69 -16.82 10.91
C ASP A 55 -7.50 -17.62 11.49
N ASN A 56 -7.80 -18.70 12.25
CA ASN A 56 -6.70 -19.26 13.11
C ASN A 56 -5.94 -20.39 12.37
N THR A 57 -6.07 -20.47 11.08
CA THR A 57 -5.37 -21.54 10.33
C THR A 57 -3.95 -21.13 9.84
N GLY A 58 -3.02 -22.09 9.83
CA GLY A 58 -1.75 -21.81 9.16
C GLY A 58 -0.75 -21.24 10.16
N PRO A 59 0.54 -21.07 9.72
CA PRO A 59 1.57 -20.67 10.68
C PRO A 59 1.29 -19.32 11.38
N ARG A 60 1.67 -19.22 12.64
CA ARG A 60 1.54 -17.96 13.41
C ARG A 60 2.12 -16.70 12.74
N LYS A 61 3.38 -16.76 12.29
CA LYS A 61 3.98 -15.59 11.63
C LYS A 61 3.33 -15.19 10.31
N LEU A 62 2.83 -16.13 9.52
CA LEU A 62 2.10 -15.88 8.34
C LEU A 62 0.89 -14.96 8.66
N ASN A 63 0.20 -15.27 9.74
CA ASN A 63 -1.03 -14.58 10.24
C ASN A 63 -0.72 -13.26 10.84
N GLU A 64 0.44 -13.19 11.49
CA GLU A 64 0.88 -11.88 12.01
C GLU A 64 1.02 -10.95 10.79
N ARG A 65 1.85 -11.37 9.83
CA ARG A 65 2.09 -10.55 8.67
C ARG A 65 0.84 -10.26 7.89
N LEU A 66 0.01 -11.28 7.67
CA LEU A 66 -1.19 -11.13 6.79
C LEU A 66 -2.22 -10.21 7.43
N SER A 67 -2.38 -10.32 8.75
CA SER A 67 -3.36 -9.44 9.43
C SER A 67 -2.90 -7.99 9.20
N LEU A 68 -1.61 -7.69 9.38
CA LEU A 68 -1.16 -6.26 9.17
C LEU A 68 -1.22 -5.89 7.71
N ALA A 69 -0.90 -6.84 6.80
CA ALA A 69 -1.08 -6.61 5.39
C ALA A 69 -2.51 -6.26 4.99
N ARG A 70 -3.51 -6.91 5.60
CA ARG A 70 -4.85 -6.56 5.30
C ARG A 70 -5.14 -5.14 5.76
N ALA A 71 -4.75 -4.79 6.95
CA ALA A 71 -5.00 -3.39 7.49
C ALA A 71 -4.25 -2.41 6.50
N ASN A 72 -3.03 -2.73 6.16
CA ASN A 72 -2.30 -1.86 5.20
C ASN A 72 -2.87 -1.74 3.80
N SER A 73 -3.55 -2.80 3.33
CA SER A 73 -4.15 -2.75 2.06
C SER A 73 -5.34 -1.78 2.09
N VAL A 74 -6.15 -1.81 3.13
CA VAL A 74 -7.24 -0.78 3.26
C VAL A 74 -6.65 0.68 3.32
N LYS A 75 -5.60 0.86 4.11
CA LYS A 75 -4.89 2.17 4.21
C LYS A 75 -4.34 2.55 2.87
N SER A 76 -3.76 1.58 2.13
CA SER A 76 -3.20 1.86 0.85
C SER A 76 -4.25 2.32 -0.15
N ALA A 77 -5.44 1.71 -0.14
CA ALA A 77 -6.50 2.19 -1.03
C ALA A 77 -6.88 3.64 -0.69
N LEU A 78 -6.98 3.98 0.59
CA LEU A 78 -7.34 5.40 0.92
C LEU A 78 -6.22 6.34 0.51
N VAL A 79 -4.98 5.92 0.74
CA VAL A 79 -3.82 6.80 0.51
C VAL A 79 -3.56 6.99 -0.98
N ASN A 80 -3.62 5.88 -1.71
CA ASN A 80 -3.21 5.85 -3.12
C ASN A 80 -4.29 6.14 -4.13
N GLU A 81 -5.51 5.71 -3.85
CA GLU A 81 -6.56 5.92 -4.79
C GLU A 81 -7.35 7.15 -4.40
N TYR A 82 -7.33 7.52 -3.11
CA TYR A 82 -8.17 8.67 -2.67
C TYR A 82 -7.37 9.80 -2.12
N ASN A 83 -6.04 9.68 -2.08
CA ASN A 83 -5.16 10.78 -1.66
C ASN A 83 -5.39 11.27 -0.26
N VAL A 84 -5.83 10.34 0.59
CA VAL A 84 -5.93 10.61 1.98
C VAL A 84 -4.58 10.69 2.60
N ASP A 85 -4.36 11.69 3.42
CA ASP A 85 -3.08 11.82 4.02
C ASP A 85 -2.74 10.56 4.89
N ALA A 86 -1.67 9.80 4.57
CA ALA A 86 -1.32 8.59 5.35
C ALA A 86 -1.21 8.75 6.84
N SER A 87 -0.78 9.94 7.32
CA SER A 87 -0.58 10.08 8.75
C SER A 87 -1.94 10.11 9.52
N ARG A 88 -3.03 10.21 8.82
CA ARG A 88 -4.34 10.25 9.46
C ARG A 88 -4.85 8.82 9.74
N LEU A 89 -4.13 7.79 9.31
CA LEU A 89 -4.72 6.44 9.35
C LEU A 89 -3.75 5.52 10.11
N SER A 90 -4.18 4.83 11.17
CA SER A 90 -3.22 3.94 11.86
C SER A 90 -3.54 2.51 11.32
N THR A 91 -2.55 1.63 11.32
CA THR A 91 -2.84 0.19 10.91
C THR A 91 -2.22 -0.71 11.96
N GLN A 92 -2.85 -1.85 12.22
CA GLN A 92 -2.31 -2.75 13.29
C GLN A 92 -2.90 -4.11 12.94
N GLY A 93 -2.08 -5.18 13.04
CA GLY A 93 -2.60 -6.56 12.70
C GLY A 93 -2.70 -7.29 14.03
N PHE A 94 -3.71 -8.14 14.16
CA PHE A 94 -3.87 -8.88 15.40
C PHE A 94 -3.82 -10.43 15.22
N ALA A 95 -3.35 -10.85 14.06
CA ALA A 95 -3.40 -12.25 13.58
C ALA A 95 -4.72 -12.88 13.95
N TRP A 96 -4.73 -14.02 14.66
CA TRP A 96 -5.98 -14.71 14.98
C TRP A 96 -6.46 -14.43 16.38
N ASP A 97 -5.90 -13.40 17.07
CA ASP A 97 -6.12 -13.25 18.47
C ASP A 97 -7.50 -12.66 18.83
N GLN A 98 -8.17 -12.05 17.85
CA GLN A 98 -9.47 -11.42 18.14
C GLN A 98 -10.60 -11.94 17.20
N PRO A 99 -10.94 -13.25 17.32
CA PRO A 99 -11.97 -13.72 16.46
C PRO A 99 -13.38 -13.13 16.80
N ILE A 100 -14.17 -13.00 15.75
CA ILE A 100 -15.57 -12.58 15.85
C ILE A 100 -16.48 -13.74 15.44
N ALA A 101 -15.91 -14.85 15.04
CA ALA A 101 -16.78 -15.98 14.67
C ALA A 101 -16.03 -17.29 14.86
N ASP A 102 -16.72 -18.39 14.57
CA ASP A 102 -16.21 -19.71 14.91
C ASP A 102 -15.22 -20.18 13.91
N ASN A 103 -13.97 -20.41 14.36
CA ASN A 103 -12.97 -20.83 13.39
C ASN A 103 -13.12 -22.31 12.89
N LYS A 104 -14.08 -23.02 13.46
CA LYS A 104 -14.31 -24.41 13.09
C LYS A 104 -15.16 -24.52 11.88
N THR A 105 -15.73 -23.41 11.39
CA THR A 105 -16.47 -23.47 10.10
C THR A 105 -15.87 -22.59 9.02
N LYS A 106 -16.12 -22.92 7.75
CA LYS A 106 -15.76 -22.05 6.65
C LYS A 106 -16.39 -20.64 6.80
N GLU A 107 -17.64 -20.62 7.20
CA GLU A 107 -18.31 -19.32 7.29
C GLU A 107 -17.72 -18.49 8.43
N GLY A 108 -17.41 -19.11 9.60
CA GLY A 108 -16.83 -18.33 10.68
C GLY A 108 -15.45 -17.88 10.31
N ARG A 109 -14.64 -18.76 9.66
CA ARG A 109 -13.30 -18.38 9.25
C ARG A 109 -13.37 -17.24 8.27
N ALA A 110 -14.39 -17.20 7.40
CA ALA A 110 -14.54 -16.09 6.41
C ALA A 110 -14.82 -14.71 7.18
N MET A 111 -15.60 -14.79 8.23
CA MET A 111 -15.87 -13.56 9.08
C MET A 111 -14.62 -13.12 9.81
N ASN A 112 -13.69 -14.04 10.12
CA ASN A 112 -12.53 -13.62 10.91
C ASN A 112 -11.44 -13.00 10.02
N ARG A 113 -11.50 -13.28 8.73
CA ARG A 113 -10.50 -12.76 7.71
C ARG A 113 -11.01 -11.36 7.35
N ARG A 114 -10.62 -10.36 8.14
CA ARG A 114 -11.33 -9.07 8.02
C ARG A 114 -10.38 -7.90 8.38
N VAL A 115 -10.88 -6.74 7.98
CA VAL A 115 -10.39 -5.53 8.57
C VAL A 115 -11.60 -4.74 9.04
N PHE A 116 -11.51 -4.30 10.27
CA PHE A 116 -12.54 -3.39 10.81
C PHE A 116 -11.87 -2.08 11.01
N ALA A 117 -12.51 -0.98 10.53
CA ALA A 117 -11.87 0.35 10.76
C ALA A 117 -12.94 1.25 11.39
N THR A 118 -12.46 2.07 12.31
CA THR A 118 -13.34 3.11 12.96
C THR A 118 -12.74 4.46 12.56
N ILE A 119 -13.64 5.29 12.03
CA ILE A 119 -13.27 6.61 11.55
C ILE A 119 -14.03 7.59 12.45
N THR A 120 -13.32 8.53 13.08
CA THR A 120 -13.99 9.48 14.00
C THR A 120 -13.34 10.86 13.82
N GLY A 121 -14.12 11.94 13.98
CA GLY A 121 -13.47 13.23 14.12
C GLY A 121 -14.62 14.20 14.12
N SER A 122 -14.25 15.48 14.24
CA SER A 122 -15.31 16.52 14.23
C SER A 122 -14.99 17.58 13.22
N ARG A 123 -16.02 18.33 12.82
CA ARG A 123 -15.76 19.61 12.05
C ARG A 123 -16.69 20.67 12.63
N GLY B 1 8.17 -28.37 -7.42
CA GLY B 1 8.56 -29.77 -7.30
C GLY B 1 8.85 -30.49 -8.61
N SER B 2 8.81 -31.80 -8.56
CA SER B 2 9.28 -32.57 -9.69
C SER B 2 8.08 -32.66 -10.70
N HIS B 3 6.92 -32.08 -10.40
CA HIS B 3 5.79 -32.22 -11.34
C HIS B 3 5.59 -30.97 -12.27
N MET B 4 6.48 -29.98 -12.22
CA MET B 4 6.18 -28.75 -12.92
C MET B 4 7.40 -28.28 -13.63
N GLU B 5 7.25 -27.87 -14.90
CA GLU B 5 8.35 -27.15 -15.56
C GLU B 5 7.93 -25.71 -15.82
N LEU B 6 8.81 -24.74 -15.57
CA LEU B 6 8.45 -23.35 -15.73
C LEU B 6 9.69 -22.69 -16.38
N THR B 7 9.46 -21.95 -17.46
CA THR B 7 10.52 -21.10 -18.10
C THR B 7 9.88 -19.77 -18.39
N GLU B 8 10.61 -18.71 -18.05
CA GLU B 8 10.24 -17.44 -18.64
C GLU B 8 11.40 -17.02 -19.52
N ASP B 9 11.13 -16.51 -20.72
CA ASP B 9 12.21 -16.11 -21.60
C ASP B 9 12.15 -14.61 -21.77
N LEU B 10 13.31 -13.96 -21.56
CA LEU B 10 13.44 -12.49 -21.69
C LEU B 10 13.96 -12.17 -23.11
N ASN B 11 13.29 -11.23 -23.78
CA ASN B 11 13.86 -10.71 -25.03
C ASN B 11 13.77 -9.17 -24.88
N MET B 12 14.91 -8.47 -24.92
CA MET B 12 14.78 -6.98 -24.86
C MET B 12 15.72 -6.41 -25.90
N GLU B 13 15.34 -5.24 -26.39
CA GLU B 13 16.23 -4.58 -27.32
C GLU B 13 16.33 -3.17 -26.81
N LEU B 14 17.54 -2.69 -26.68
CA LEU B 14 17.80 -1.34 -26.23
C LEU B 14 18.47 -0.64 -27.48
N ARG B 15 18.02 0.57 -27.84
CA ARG B 15 18.65 1.34 -28.92
C ARG B 15 19.14 2.70 -28.39
N VAL B 16 20.40 3.00 -28.60
CA VAL B 16 20.95 4.26 -28.09
C VAL B 16 21.47 4.97 -29.33
N PHE B 17 21.23 6.31 -29.47
CA PHE B 17 21.68 6.99 -30.70
C PHE B 17 22.66 8.05 -30.28
N PHE B 18 23.54 8.41 -31.23
CA PHE B 18 24.68 9.17 -30.90
C PHE B 18 24.77 10.37 -31.83
N ASP B 19 25.31 11.45 -31.31
CA ASP B 19 25.68 12.59 -32.17
C ASP B 19 26.92 12.28 -33.01
N THR B 20 27.11 13.01 -34.10
CA THR B 20 28.24 12.79 -34.98
C THR B 20 29.57 12.86 -34.25
N ASN B 21 30.38 11.88 -34.56
CA ASN B 21 31.63 11.64 -33.87
C ASN B 21 31.68 11.40 -32.36
N LYS B 22 30.53 11.19 -31.70
CA LYS B 22 30.48 11.10 -30.26
C LYS B 22 30.12 9.63 -29.88
N SER B 23 30.67 9.24 -28.76
CA SER B 23 30.39 7.90 -28.16
C SER B 23 29.81 7.93 -26.77
N ASN B 24 29.50 9.12 -26.26
CA ASN B 24 28.99 9.27 -24.92
C ASN B 24 27.53 9.01 -24.96
N ILE B 25 27.03 8.43 -23.88
CA ILE B 25 25.57 8.16 -23.77
C ILE B 25 24.78 9.35 -23.16
N LYS B 26 23.81 9.88 -23.89
CA LYS B 26 23.07 11.04 -23.36
C LYS B 26 22.30 10.56 -22.17
N ASP B 27 22.14 11.45 -21.17
CA ASP B 27 21.29 11.15 -20.02
C ASP B 27 19.92 10.70 -20.42
N GLN B 28 19.37 11.13 -21.56
CA GLN B 28 18.02 10.67 -21.86
C GLN B 28 17.92 9.16 -22.00
N TYR B 29 19.05 8.46 -22.13
CA TYR B 29 18.91 6.98 -22.32
C TYR B 29 19.07 6.30 -20.99
N LYS B 30 19.31 7.06 -19.93
CA LYS B 30 19.61 6.39 -18.59
C LYS B 30 18.44 5.55 -18.08
N PRO B 31 17.18 6.04 -18.21
CA PRO B 31 16.08 5.16 -17.68
C PRO B 31 16.00 3.80 -18.43
N GLU B 32 16.23 3.82 -19.73
CA GLU B 32 16.19 2.56 -20.51
C GLU B 32 17.30 1.65 -20.14
N ILE B 33 18.49 2.22 -19.91
CA ILE B 33 19.65 1.46 -19.48
C ILE B 33 19.40 0.82 -18.10
N ALA B 34 18.74 1.56 -17.19
CA ALA B 34 18.43 1.09 -15.85
C ALA B 34 17.43 -0.01 -15.95
N LYS B 35 16.48 0.04 -16.85
CA LYS B 35 15.53 -1.03 -16.99
C LYS B 35 16.19 -2.28 -17.53
N VAL B 36 17.15 -2.09 -18.42
CA VAL B 36 17.95 -3.24 -18.90
C VAL B 36 18.72 -3.87 -17.72
N ALA B 37 19.31 -3.04 -16.86
CA ALA B 37 20.01 -3.58 -15.70
C ALA B 37 19.05 -4.29 -14.76
N GLU B 38 17.89 -3.74 -14.58
CA GLU B 38 16.89 -4.39 -13.73
C GLU B 38 16.61 -5.82 -14.27
N LYS B 39 16.37 -5.97 -15.55
CA LYS B 39 15.95 -7.28 -16.11
C LYS B 39 17.18 -8.20 -16.12
N LEU B 40 18.42 -7.67 -16.27
CA LEU B 40 19.63 -8.49 -16.10
C LEU B 40 19.80 -9.00 -14.66
N SER B 41 19.25 -8.30 -13.70
CA SER B 41 19.26 -8.81 -12.32
C SER B 41 18.13 -9.87 -12.20
N GLU B 42 16.97 -9.58 -12.79
CA GLU B 42 15.81 -10.47 -12.66
C GLU B 42 16.09 -11.78 -13.40
N TYR B 43 16.94 -11.74 -14.43
CA TYR B 43 17.21 -12.94 -15.29
C TYR B 43 18.73 -13.07 -15.20
N PRO B 44 19.25 -13.57 -14.08
CA PRO B 44 20.68 -13.45 -13.88
C PRO B 44 21.51 -14.26 -14.84
N ASN B 45 20.90 -15.16 -15.62
CA ASN B 45 21.67 -15.89 -16.63
C ASN B 45 21.66 -15.20 -17.97
N ALA B 46 20.88 -14.09 -18.02
CA ALA B 46 20.69 -13.44 -19.34
C ALA B 46 22.05 -12.84 -19.77
N THR B 47 22.23 -12.63 -21.09
CA THR B 47 23.46 -12.02 -21.59
C THR B 47 23.04 -10.96 -22.63
N ALA B 48 23.96 -10.10 -22.99
CA ALA B 48 23.62 -9.04 -24.00
C ALA B 48 24.64 -9.03 -25.06
N ARG B 49 24.16 -8.75 -26.28
CA ARG B 49 24.98 -8.68 -27.48
C ARG B 49 24.90 -7.18 -27.86
N ILE B 50 25.91 -6.38 -27.57
CA ILE B 50 25.79 -4.89 -27.76
C ILE B 50 26.58 -4.67 -29.08
N GLU B 51 25.96 -3.98 -30.05
CA GLU B 51 26.55 -3.81 -31.37
C GLU B 51 26.55 -2.35 -31.67
N GLY B 52 27.72 -1.78 -32.00
CA GLY B 52 27.78 -0.35 -32.28
C GLY B 52 28.00 -0.07 -33.77
N HIS B 53 27.54 1.10 -34.15
CA HIS B 53 27.43 1.42 -35.58
C HIS B 53 27.85 2.89 -35.83
N THR B 54 28.19 3.22 -37.09
CA THR B 54 28.33 4.62 -37.44
C THR B 54 27.52 4.90 -38.67
N ASP B 55 27.31 6.18 -38.99
CA ASP B 55 26.97 6.49 -40.36
C ASP B 55 28.21 6.38 -41.24
N ASN B 56 28.03 6.61 -42.54
CA ASN B 56 29.14 6.30 -43.44
C ASN B 56 30.00 7.48 -43.76
N THR B 57 30.00 8.54 -42.93
CA THR B 57 30.87 9.68 -43.23
C THR B 57 32.22 9.44 -42.58
N GLY B 58 33.31 9.88 -43.20
CA GLY B 58 34.60 9.89 -42.51
C GLY B 58 35.34 8.67 -42.94
N PRO B 59 36.59 8.51 -42.51
CA PRO B 59 37.35 7.41 -42.95
C PRO B 59 37.05 6.08 -42.25
N ARG B 60 37.45 4.99 -42.91
CA ARG B 60 37.07 3.66 -42.45
C ARG B 60 37.52 3.30 -40.99
N LYS B 61 38.80 3.49 -40.70
CA LYS B 61 39.37 3.07 -39.46
C LYS B 61 38.82 3.91 -38.28
N LEU B 62 38.62 5.21 -38.53
CA LEU B 62 38.02 6.06 -37.48
C LEU B 62 36.60 5.47 -37.10
N ASN B 63 35.89 4.97 -38.10
CA ASN B 63 34.52 4.48 -37.90
C ASN B 63 34.49 3.08 -37.31
N GLU B 64 35.49 2.27 -37.68
CA GLU B 64 35.62 0.97 -36.99
C GLU B 64 35.80 1.28 -35.50
N ARG B 65 36.71 2.18 -35.21
CA ARG B 65 37.00 2.43 -33.81
C ARG B 65 35.82 3.08 -33.09
N LEU B 66 35.12 4.00 -33.77
CA LEU B 66 34.03 4.72 -33.19
C LEU B 66 32.85 3.75 -32.92
N SER B 67 32.61 2.77 -33.79
CA SER B 67 31.35 2.00 -33.65
C SER B 67 31.63 1.11 -32.40
N LEU B 68 32.86 0.63 -32.25
CA LEU B 68 33.22 -0.19 -31.05
C LEU B 68 33.18 0.61 -29.80
N ALA B 69 33.76 1.83 -29.82
CA ALA B 69 33.61 2.73 -28.68
C ALA B 69 32.16 3.00 -28.27
N ARG B 70 31.23 3.17 -29.23
CA ARG B 70 29.82 3.36 -28.87
C ARG B 70 29.32 2.10 -28.12
N ALA B 71 29.67 0.89 -28.64
CA ALA B 71 29.23 -0.32 -27.95
C ALA B 71 29.83 -0.40 -26.52
N ASN B 72 31.11 -0.13 -26.42
CA ASN B 72 31.79 -0.19 -25.17
C ASN B 72 31.23 0.85 -24.22
N SER B 73 30.75 1.99 -24.74
CA SER B 73 30.07 2.94 -23.85
C SER B 73 28.85 2.38 -23.17
N VAL B 74 28.05 1.64 -23.91
CA VAL B 74 26.89 1.01 -23.32
C VAL B 74 27.26 -0.07 -22.26
N LYS B 75 28.20 -0.92 -22.63
CA LYS B 75 28.73 -1.93 -21.71
C LYS B 75 29.29 -1.23 -20.52
N SER B 76 30.06 -0.17 -20.69
CA SER B 76 30.64 0.49 -19.51
C SER B 76 29.57 1.07 -18.56
N ALA B 77 28.52 1.69 -19.08
CA ALA B 77 27.41 2.10 -18.27
C ALA B 77 26.83 0.95 -17.46
N LEU B 78 26.59 -0.23 -18.09
CA LEU B 78 25.97 -1.31 -17.35
C LEU B 78 26.98 -1.82 -16.24
N VAL B 79 28.25 -1.93 -16.60
CA VAL B 79 29.27 -2.52 -15.70
C VAL B 79 29.56 -1.55 -14.55
N ASN B 80 29.86 -0.32 -14.91
CA ASN B 80 30.25 0.69 -13.90
C ASN B 80 29.12 1.39 -13.16
N GLU B 81 27.97 1.58 -13.78
CA GLU B 81 26.91 2.27 -13.11
C GLU B 81 25.89 1.33 -12.48
N TYR B 82 25.78 0.12 -13.01
CA TYR B 82 24.76 -0.79 -12.60
C TYR B 82 25.36 -2.11 -12.06
N ASN B 83 26.70 -2.21 -11.97
CA ASN B 83 27.34 -3.40 -11.35
C ASN B 83 26.98 -4.69 -12.09
N VAL B 84 26.80 -4.64 -13.43
CA VAL B 84 26.49 -5.87 -14.20
C VAL B 84 27.84 -6.50 -14.42
N ASP B 85 27.95 -7.84 -14.27
CA ASP B 85 29.21 -8.52 -14.58
C ASP B 85 29.57 -8.31 -16.04
N ALA B 86 30.81 -7.83 -16.29
CA ALA B 86 31.24 -7.49 -17.67
C ALA B 86 31.24 -8.71 -18.56
N SER B 87 31.41 -9.92 -17.97
CA SER B 87 31.45 -11.10 -18.80
C SER B 87 30.09 -11.50 -19.42
N ARG B 88 29.00 -10.90 -18.95
CA ARG B 88 27.68 -11.17 -19.46
C ARG B 88 27.39 -10.38 -20.72
N LEU B 89 28.31 -9.48 -21.07
CA LEU B 89 28.01 -8.49 -22.17
C LEU B 89 29.07 -8.55 -23.25
N SER B 90 28.69 -8.78 -24.50
CA SER B 90 29.77 -8.68 -25.52
C SER B 90 29.64 -7.35 -26.19
N THR B 91 30.74 -6.91 -26.75
CA THR B 91 30.64 -5.69 -27.63
C THR B 91 31.33 -5.88 -28.94
N GLN B 92 30.77 -5.27 -29.98
CA GLN B 92 31.36 -5.40 -31.35
C GLN B 92 30.96 -4.17 -32.11
N GLY B 93 31.88 -3.67 -32.94
CA GLY B 93 31.55 -2.47 -33.74
C GLY B 93 31.51 -2.91 -35.18
N PHE B 94 30.60 -2.38 -35.94
CA PHE B 94 30.36 -2.74 -37.30
C PHE B 94 30.64 -1.55 -38.26
N ALA B 95 31.33 -0.52 -37.74
CA ALA B 95 31.47 0.71 -38.57
C ALA B 95 30.16 1.07 -39.29
N TRP B 96 30.19 1.39 -40.61
CA TRP B 96 29.02 1.69 -41.38
C TRP B 96 28.41 0.52 -42.14
N ASP B 97 28.80 -0.68 -41.75
CA ASP B 97 28.46 -1.85 -42.61
C ASP B 97 27.06 -2.35 -42.49
N GLN B 98 26.36 -1.96 -41.44
CA GLN B 98 24.99 -2.40 -41.26
C GLN B 98 24.07 -1.23 -41.07
N PRO B 99 23.80 -0.48 -42.17
CA PRO B 99 22.83 0.61 -41.99
C PRO B 99 21.42 0.14 -41.73
N ILE B 100 20.72 0.92 -40.93
CA ILE B 100 19.27 0.79 -40.79
C ILE B 100 18.49 1.88 -41.55
N ALA B 101 19.20 2.84 -42.10
CA ALA B 101 18.55 3.95 -42.75
C ALA B 101 19.45 4.47 -43.86
N ASP B 102 18.92 5.36 -44.67
CA ASP B 102 19.69 5.83 -45.83
C ASP B 102 20.65 6.91 -45.38
N ASN B 103 21.95 6.74 -45.66
CA ASN B 103 22.91 7.71 -45.26
C ASN B 103 22.85 9.00 -46.11
N LYS B 104 21.99 9.05 -47.10
CA LYS B 104 21.91 10.26 -47.94
C LYS B 104 21.10 11.41 -47.29
N THR B 105 20.24 11.12 -46.30
CA THR B 105 19.55 12.14 -45.53
C THR B 105 20.13 12.31 -44.11
N LYS B 106 19.94 13.49 -43.54
CA LYS B 106 20.37 13.77 -42.18
C LYS B 106 19.61 12.84 -41.17
N GLU B 107 18.34 12.56 -41.42
CA GLU B 107 17.56 11.72 -40.48
C GLU B 107 18.21 10.33 -40.52
N GLY B 108 18.67 9.92 -41.69
CA GLY B 108 19.06 8.54 -42.01
C GLY B 108 20.42 8.28 -41.35
N ARG B 109 21.34 9.25 -41.49
CA ARG B 109 22.60 9.16 -40.76
C ARG B 109 22.40 9.17 -39.25
N ALA B 110 21.47 9.98 -38.75
CA ALA B 110 21.22 9.98 -37.30
C ALA B 110 20.76 8.62 -36.81
N MET B 111 19.87 8.01 -37.56
CA MET B 111 19.47 6.63 -37.24
C MET B 111 20.60 5.60 -37.31
N ASN B 112 21.59 5.84 -38.16
CA ASN B 112 22.71 4.87 -38.26
C ASN B 112 23.69 4.98 -37.18
N ARG B 113 23.80 6.16 -36.60
CA ARG B 113 24.71 6.37 -35.50
C ARG B 113 24.15 5.78 -34.16
N ARG B 114 24.44 4.53 -33.88
CA ARG B 114 23.54 3.82 -32.91
C ARG B 114 24.27 2.64 -32.30
N VAL B 115 23.73 2.21 -31.15
CA VAL B 115 24.17 0.90 -30.57
C VAL B 115 22.81 0.21 -30.43
N PHE B 116 22.73 -1.04 -30.87
CA PHE B 116 21.57 -1.87 -30.53
C PHE B 116 22.09 -2.97 -29.62
N ALA B 117 21.43 -3.14 -28.49
CA ALA B 117 21.88 -4.16 -27.48
C ALA B 117 20.71 -5.14 -27.41
N THR B 118 20.97 -6.41 -27.71
CA THR B 118 19.90 -7.40 -27.63
C THR B 118 20.14 -8.28 -26.39
N ILE B 119 19.15 -8.39 -25.50
CA ILE B 119 19.40 -9.03 -24.17
C ILE B 119 18.49 -10.23 -24.19
N THR B 120 19.06 -11.46 -24.05
CA THR B 120 18.15 -12.61 -24.11
C THR B 120 18.55 -13.52 -22.95
N GLY B 121 17.61 -14.37 -22.53
CA GLY B 121 18.00 -15.34 -21.49
C GLY B 121 16.72 -15.90 -20.92
N SER B 122 16.86 -16.84 -19.98
CA SER B 122 15.67 -17.49 -19.42
C SER B 122 15.91 -17.57 -17.95
N ARG B 123 14.82 -17.71 -17.19
CA ARG B 123 14.90 -18.06 -15.81
C ARG B 123 13.81 -19.08 -15.55
N HIS C 3 -19.43 -3.80 4.40
CA HIS C 3 -20.47 -2.86 4.91
C HIS C 3 -19.88 -1.69 5.74
N MET C 4 -20.75 -0.73 5.99
CA MET C 4 -20.23 0.52 6.50
C MET C 4 -21.44 1.18 7.15
N GLU C 5 -21.30 1.68 8.38
CA GLU C 5 -22.40 2.42 8.96
C GLU C 5 -21.81 3.73 9.40
N LEU C 6 -22.61 4.80 9.36
CA LEU C 6 -22.05 6.02 9.85
C LEU C 6 -23.14 6.86 10.47
N THR C 7 -22.70 7.69 11.43
CA THR C 7 -23.63 8.70 11.94
C THR C 7 -22.88 10.02 12.05
N GLU C 8 -23.67 11.08 12.00
CA GLU C 8 -23.11 12.39 12.27
C GLU C 8 -23.97 13.04 13.34
N ASP C 9 -23.36 13.62 14.40
CA ASP C 9 -24.14 14.20 15.49
C ASP C 9 -23.88 15.69 15.50
N LEU C 10 -24.96 16.44 15.51
CA LEU C 10 -24.93 17.90 15.60
C LEU C 10 -25.01 18.37 17.03
N ASN C 11 -24.08 19.24 17.44
CA ASN C 11 -24.27 19.94 18.76
C ASN C 11 -23.95 21.41 18.55
N MET C 12 -24.89 22.33 18.85
CA MET C 12 -24.59 23.74 18.61
C MET C 12 -25.02 24.50 19.84
N GLU C 13 -24.29 25.57 20.17
CA GLU C 13 -24.68 26.47 21.28
C GLU C 13 -24.71 27.85 20.68
N LEU C 14 -25.86 28.46 20.81
CA LEU C 14 -26.04 29.83 20.32
C LEU C 14 -26.17 30.74 21.57
N ARG C 15 -25.52 31.95 21.57
CA ARG C 15 -25.60 32.87 22.69
C ARG C 15 -25.99 34.17 22.09
N VAL C 16 -27.14 34.69 22.55
CA VAL C 16 -27.61 35.99 22.04
C VAL C 16 -27.68 36.89 23.28
N PHE C 17 -27.18 38.15 23.16
CA PHE C 17 -27.22 39.09 24.33
C PHE C 17 -28.12 40.27 24.08
N PHE C 18 -28.64 40.84 25.16
CA PHE C 18 -29.70 41.82 24.98
C PHE C 18 -29.37 43.11 25.75
N ASP C 19 -29.89 44.20 25.20
CA ASP C 19 -29.87 45.48 25.89
C ASP C 19 -30.91 45.48 27.02
N THR C 20 -30.66 46.34 28.01
CA THR C 20 -31.58 46.52 29.13
C THR C 20 -33.01 46.69 28.67
N ASN C 21 -33.88 45.88 29.28
CA ASN C 21 -35.32 45.87 28.94
C ASN C 21 -35.73 45.45 27.57
N LYS C 22 -34.78 44.96 26.75
CA LYS C 22 -35.13 44.72 25.34
C LYS C 22 -35.10 43.22 25.07
N SER C 23 -35.94 42.78 24.18
CA SER C 23 -35.95 41.37 23.81
C SER C 23 -35.86 41.31 22.31
N ASN C 24 -35.37 42.40 21.65
CA ASN C 24 -35.23 42.30 20.17
C ASN C 24 -33.89 41.53 19.86
N ILE C 25 -33.82 40.90 18.67
CA ILE C 25 -32.58 40.29 18.27
C ILE C 25 -31.75 41.38 17.53
N LYS C 26 -30.64 41.83 18.11
CA LYS C 26 -29.80 42.82 17.37
C LYS C 26 -29.29 42.23 16.08
N ASP C 27 -29.13 43.14 15.09
CA ASP C 27 -28.65 42.79 13.77
C ASP C 27 -27.43 41.84 13.72
N GLN C 28 -26.46 42.10 14.58
CA GLN C 28 -25.24 41.34 14.61
C GLN C 28 -25.51 39.81 14.81
N TYR C 29 -26.63 39.44 15.47
CA TYR C 29 -26.91 37.98 15.69
C TYR C 29 -27.58 37.30 14.57
N LYS C 30 -28.04 38.04 13.57
CA LYS C 30 -28.78 37.42 12.49
C LYS C 30 -27.96 36.36 11.70
N PRO C 31 -26.64 36.58 11.45
CA PRO C 31 -25.94 35.50 10.81
C PRO C 31 -25.92 34.17 11.65
N GLU C 32 -25.88 34.31 12.97
CA GLU C 32 -25.79 33.10 13.85
C GLU C 32 -27.14 32.38 13.85
N ILE C 33 -28.22 33.16 13.85
CA ILE C 33 -29.56 32.53 13.70
C ILE C 33 -29.71 31.87 12.32
N ALA C 34 -29.18 32.48 11.25
CA ALA C 34 -29.27 31.87 9.94
C ALA C 34 -28.53 30.54 9.98
N LYS C 35 -27.40 30.53 10.69
CA LYS C 35 -26.56 29.27 10.65
C LYS C 35 -27.32 28.15 11.44
N VAL C 36 -27.99 28.53 12.51
CA VAL C 36 -28.81 27.58 13.34
C VAL C 36 -29.90 27.04 12.41
N ALA C 37 -30.61 27.92 11.71
CA ALA C 37 -31.62 27.45 10.76
C ALA C 37 -31.04 26.49 9.73
N GLU C 38 -29.89 26.84 9.15
CA GLU C 38 -29.30 25.96 8.15
C GLU C 38 -29.08 24.55 8.78
N LYS C 39 -28.49 24.51 9.98
CA LYS C 39 -28.20 23.19 10.58
C LYS C 39 -29.48 22.42 11.00
N LEU C 40 -30.54 23.14 11.33
CA LEU C 40 -31.84 22.44 11.63
C LEU C 40 -32.40 21.83 10.35
N SER C 41 -32.09 22.43 9.16
CA SER C 41 -32.47 21.79 7.87
C SER C 41 -31.53 20.62 7.56
N GLU C 42 -30.24 20.76 7.90
CA GLU C 42 -29.25 19.72 7.53
C GLU C 42 -29.45 18.48 8.40
N TYR C 43 -29.95 18.70 9.59
CA TYR C 43 -30.21 17.64 10.60
C TYR C 43 -31.73 17.72 10.87
N PRO C 44 -32.57 17.12 10.00
CA PRO C 44 -33.98 17.39 10.21
C PRO C 44 -34.58 16.83 11.49
N ASN C 45 -33.88 15.93 12.23
CA ASN C 45 -34.44 15.52 13.52
C ASN C 45 -34.00 16.40 14.67
N ALA C 46 -33.25 17.45 14.36
CA ALA C 46 -32.67 18.23 15.45
C ALA C 46 -33.74 19.05 16.19
N THR C 47 -33.49 19.31 17.45
CA THR C 47 -34.35 20.18 18.24
C THR C 47 -33.49 21.18 19.00
N ALA C 48 -34.14 22.24 19.52
CA ALA C 48 -33.40 23.25 20.28
C ALA C 48 -34.04 23.51 21.61
N ARG C 49 -33.24 23.75 22.62
CA ARG C 49 -33.77 24.19 23.89
C ARG C 49 -33.25 25.61 24.08
N ILE C 50 -34.16 26.57 24.11
CA ILE C 50 -33.79 28.01 24.10
C ILE C 50 -34.16 28.57 25.45
N GLU C 51 -33.19 29.11 26.15
CA GLU C 51 -33.40 29.51 27.53
C GLU C 51 -33.00 30.96 27.67
N GLY C 52 -33.94 31.76 28.22
CA GLY C 52 -33.69 33.20 28.30
C GLY C 52 -33.55 33.62 29.77
N HIS C 53 -32.89 34.75 29.95
CA HIS C 53 -32.39 35.18 31.24
C HIS C 53 -32.38 36.70 31.32
N THR C 54 -32.34 37.21 32.55
CA THR C 54 -32.19 38.66 32.75
C THR C 54 -31.06 38.90 33.71
N ASP C 55 -30.59 40.17 33.79
CA ASP C 55 -29.81 40.60 34.99
C ASP C 55 -30.80 40.76 36.15
N ASN C 56 -30.28 40.98 37.34
CA ASN C 56 -31.14 40.84 38.52
C ASN C 56 -31.76 42.22 38.91
N THR C 57 -31.75 43.16 37.98
CA THR C 57 -32.41 44.45 38.26
C THR C 57 -33.88 44.51 37.85
N GLY C 58 -34.67 45.35 38.58
CA GLY C 58 -36.06 45.57 38.23
C GLY C 58 -36.98 44.54 38.84
N PRO C 59 -38.31 44.66 38.65
CA PRO C 59 -39.29 43.79 39.35
C PRO C 59 -39.18 42.33 38.94
N ARG C 60 -39.40 41.39 39.86
CA ARG C 60 -39.37 39.94 39.50
C ARG C 60 -40.31 39.60 38.37
N LYS C 61 -41.51 40.19 38.39
CA LYS C 61 -42.47 39.87 37.38
C LYS C 61 -42.05 40.36 36.00
N LEU C 62 -41.44 41.53 35.97
CA LEU C 62 -40.78 42.04 34.70
C LEU C 62 -39.77 41.02 34.11
N ASN C 63 -38.93 40.53 35.00
CA ASN C 63 -37.81 39.65 34.59
C ASN C 63 -38.30 38.26 34.25
N GLU C 64 -39.41 37.84 34.84
CA GLU C 64 -39.98 36.55 34.42
C GLU C 64 -40.46 36.68 33.00
N ARG C 65 -41.16 37.80 32.75
CA ARG C 65 -41.67 38.01 31.37
C ARG C 65 -40.51 38.25 30.41
N LEU C 66 -39.54 39.07 30.81
CA LEU C 66 -38.54 39.51 29.83
C LEU C 66 -37.64 38.30 29.43
N SER C 67 -37.35 37.47 30.42
CA SER C 67 -36.59 36.26 30.12
C SER C 67 -37.24 35.36 29.13
N LEU C 68 -38.53 35.10 29.27
CA LEU C 68 -39.24 34.31 28.33
C LEU C 68 -39.37 35.02 27.00
N ALA C 69 -39.64 36.34 27.02
CA ALA C 69 -39.74 37.12 25.79
C ALA C 69 -38.43 37.03 24.99
N ARG C 70 -37.29 36.99 25.67
CA ARG C 70 -36.01 36.90 24.97
C ARG C 70 -35.89 35.52 24.32
N ALA C 71 -36.19 34.43 25.06
CA ALA C 71 -36.20 33.12 24.41
C ALA C 71 -37.16 33.05 23.25
N ASN C 72 -38.40 33.54 23.43
CA ASN C 72 -39.37 33.57 22.36
C ASN C 72 -38.99 34.39 21.14
N SER C 73 -38.17 35.43 21.31
CA SER C 73 -37.77 36.29 20.17
C SER C 73 -36.88 35.47 19.29
N VAL C 74 -35.98 34.71 19.94
CA VAL C 74 -35.12 33.75 19.23
C VAL C 74 -35.94 32.69 18.49
N LYS C 75 -36.86 32.05 19.20
CA LYS C 75 -37.73 31.14 18.54
C LYS C 75 -38.51 31.75 17.38
N SER C 76 -39.08 32.96 17.62
CA SER C 76 -39.85 33.63 16.61
C SER C 76 -39.01 33.93 15.39
N ALA C 77 -37.76 34.30 15.61
CA ALA C 77 -36.92 34.55 14.43
C ALA C 77 -36.78 33.23 13.63
N LEU C 78 -36.51 32.09 14.30
CA LEU C 78 -36.42 30.86 13.52
C LEU C 78 -37.71 30.47 12.81
N VAL C 79 -38.81 30.54 13.54
CA VAL C 79 -40.12 30.13 13.04
C VAL C 79 -40.52 31.06 11.92
N ASN C 80 -40.39 32.38 12.10
CA ASN C 80 -41.07 33.30 11.17
C ASN C 80 -40.14 33.68 9.99
N GLU C 81 -38.85 33.87 10.25
CA GLU C 81 -37.97 34.30 9.19
C GLU C 81 -37.34 33.10 8.47
N TYR C 82 -37.22 31.97 9.17
CA TYR C 82 -36.52 30.78 8.58
C TYR C 82 -37.41 29.55 8.37
N ASN C 83 -38.72 29.71 8.59
CA ASN C 83 -39.68 28.57 8.47
C ASN C 83 -39.27 27.31 9.22
N VAL C 84 -38.72 27.49 10.41
CA VAL C 84 -38.41 26.32 11.22
C VAL C 84 -39.67 25.95 11.92
N ASP C 85 -39.97 24.64 12.00
CA ASP C 85 -41.23 24.23 12.67
C ASP C 85 -41.18 24.61 14.15
N ALA C 86 -42.22 25.29 14.68
CA ALA C 86 -42.19 25.66 16.10
C ALA C 86 -42.05 24.57 17.08
N SER C 87 -42.65 23.41 16.77
CA SER C 87 -42.61 22.35 17.79
C SER C 87 -41.23 21.76 18.04
N ARG C 88 -40.22 22.07 17.20
CA ARG C 88 -38.86 21.56 17.50
C ARG C 88 -38.07 22.47 18.46
N LEU C 89 -38.67 23.58 18.92
CA LEU C 89 -37.89 24.60 19.66
C LEU C 89 -38.60 24.88 20.94
N SER C 90 -37.96 24.58 22.07
CA SER C 90 -38.67 24.79 23.30
C SER C 90 -38.16 26.17 23.80
N THR C 91 -39.01 26.91 24.51
CA THR C 91 -38.53 28.12 25.20
C THR C 91 -38.84 28.09 26.69
N GLN C 92 -37.95 28.66 27.49
CA GLN C 92 -38.19 28.88 28.92
C GLN C 92 -37.45 30.09 29.35
N GLY C 93 -38.05 30.89 30.24
CA GLY C 93 -37.29 31.97 30.84
C GLY C 93 -36.97 31.69 32.31
N PHE C 94 -35.78 32.16 32.76
CA PHE C 94 -35.33 31.81 34.13
C PHE C 94 -35.19 33.07 34.97
N ALA C 95 -35.68 34.19 34.40
CA ALA C 95 -35.54 35.50 35.08
C ALA C 95 -34.11 35.68 35.47
N TRP C 96 -33.81 36.15 36.69
CA TRP C 96 -32.43 36.33 37.10
C TRP C 96 -31.75 35.15 37.78
N ASP C 97 -32.39 34.00 37.77
CA ASP C 97 -32.07 32.84 38.69
C ASP C 97 -30.80 32.11 38.32
N GLN C 98 -30.34 32.27 37.07
CA GLN C 98 -29.12 31.60 36.62
C GLN C 98 -28.09 32.59 36.10
N PRO C 99 -27.52 33.42 36.98
CA PRO C 99 -26.55 34.33 36.38
C PRO C 99 -25.30 33.57 35.85
N ILE C 100 -24.62 34.14 34.85
CA ILE C 100 -23.30 33.62 34.46
C ILE C 100 -22.24 34.66 34.79
N ALA C 101 -22.63 35.81 35.33
CA ALA C 101 -21.65 36.85 35.63
C ALA C 101 -22.14 37.74 36.76
N ASP C 102 -21.21 38.58 37.22
CA ASP C 102 -21.39 39.44 38.37
C ASP C 102 -22.44 40.49 38.09
N ASN C 103 -23.57 40.45 38.83
CA ASN C 103 -24.60 41.46 38.59
C ASN C 103 -24.16 42.86 39.14
N LYS C 104 -23.05 42.89 39.89
CA LYS C 104 -22.56 44.16 40.44
C LYS C 104 -22.04 45.16 39.44
N THR C 105 -21.64 44.67 38.25
CA THR C 105 -21.03 45.51 37.23
C THR C 105 -21.87 45.55 35.92
N LYS C 106 -21.77 46.67 35.19
CA LYS C 106 -22.47 46.87 33.93
C LYS C 106 -22.11 45.74 32.96
N GLU C 107 -20.85 45.33 33.06
CA GLU C 107 -20.30 44.34 32.22
C GLU C 107 -20.89 42.94 32.53
N GLY C 108 -20.97 42.57 33.81
CA GLY C 108 -21.54 41.28 34.20
C GLY C 108 -23.05 41.24 33.88
N ARG C 109 -23.74 42.35 34.11
CA ARG C 109 -25.20 42.44 33.79
C ARG C 109 -25.47 42.24 32.31
N ALA C 110 -24.64 42.84 31.43
CA ALA C 110 -24.81 42.58 29.97
C ALA C 110 -24.61 41.13 29.60
N MET C 111 -23.72 40.44 30.30
CA MET C 111 -23.53 39.02 30.08
C MET C 111 -24.79 38.23 30.53
N ASN C 112 -25.43 38.66 31.62
CA ASN C 112 -26.62 37.94 32.16
C ASN C 112 -27.86 38.10 31.29
N ARG C 113 -27.94 39.22 30.55
CA ARG C 113 -29.08 39.51 29.69
C ARG C 113 -28.89 38.73 28.42
N ARG C 114 -29.41 37.50 28.39
CA ARG C 114 -29.00 36.62 27.31
C ARG C 114 -29.99 35.50 27.10
N VAL C 115 -29.85 34.89 25.93
CA VAL C 115 -30.48 33.61 25.61
C VAL C 115 -29.32 32.67 25.27
N PHE C 116 -29.38 31.47 25.78
CA PHE C 116 -28.50 30.41 25.36
C PHE C 116 -29.43 29.37 24.74
N ALA C 117 -29.11 28.92 23.56
CA ALA C 117 -29.86 27.90 22.92
C ALA C 117 -28.93 26.75 22.62
N THR C 118 -29.36 25.53 22.93
CA THR C 118 -28.57 24.36 22.63
C THR C 118 -29.34 23.57 21.59
N ILE C 119 -28.68 23.14 20.52
CA ILE C 119 -29.37 22.47 19.44
C ILE C 119 -28.65 21.09 19.32
N THR C 120 -29.42 20.01 19.26
CA THR C 120 -28.75 18.72 19.06
C THR C 120 -29.51 17.95 18.10
N GLY C 121 -28.82 17.09 17.34
CA GLY C 121 -29.52 16.33 16.35
C GLY C 121 -28.56 15.27 15.85
N SER C 122 -29.03 14.37 14.97
CA SER C 122 -28.14 13.34 14.35
C SER C 122 -28.67 12.96 12.99
N ARG C 123 -27.86 12.34 12.16
CA ARG C 123 -28.32 11.88 10.90
C ARG C 123 -27.38 10.73 10.44
N HIS D 3 12.77 3.91 -26.89
CA HIS D 3 14.09 3.36 -27.41
C HIS D 3 14.43 1.97 -26.92
N MET D 4 13.44 1.30 -26.35
CA MET D 4 13.75 -0.01 -25.78
C MET D 4 12.44 -0.71 -25.70
N GLU D 5 12.39 -1.93 -26.21
CA GLU D 5 11.24 -2.78 -25.86
C GLU D 5 11.61 -4.07 -25.20
N LEU D 6 10.65 -4.63 -24.50
CA LEU D 6 10.94 -5.86 -23.78
C LEU D 6 9.71 -6.76 -23.91
N THR D 7 9.95 -8.04 -24.12
CA THR D 7 8.87 -9.11 -23.94
C THR D 7 9.41 -10.21 -22.96
N GLU D 8 8.49 -10.78 -22.20
CA GLU D 8 8.81 -11.98 -21.39
C GLU D 8 7.78 -12.99 -21.78
N ASP D 9 8.24 -14.20 -22.10
CA ASP D 9 7.32 -15.28 -22.55
C ASP D 9 7.29 -16.32 -21.50
N LEU D 10 6.07 -16.73 -21.14
CA LEU D 10 5.90 -17.67 -20.03
C LEU D 10 5.57 -19.01 -20.67
N ASN D 11 6.25 -20.06 -20.24
CA ASN D 11 5.82 -21.40 -20.64
C ASN D 11 5.88 -22.31 -19.47
N MET D 12 4.80 -23.04 -19.17
CA MET D 12 4.84 -23.92 -17.95
C MET D 12 4.12 -25.17 -18.32
N GLU D 13 4.57 -26.27 -17.74
CA GLU D 13 3.80 -27.50 -17.86
C GLU D 13 3.63 -28.06 -16.46
N LEU D 14 2.45 -28.51 -16.17
CA LEU D 14 2.14 -29.03 -14.80
C LEU D 14 1.67 -30.44 -15.09
N ARG D 15 2.18 -31.45 -14.36
CA ARG D 15 1.73 -32.82 -14.57
C ARG D 15 1.11 -33.22 -13.22
N VAL D 16 -0.11 -33.71 -13.27
CA VAL D 16 -0.81 -34.18 -12.07
C VAL D 16 -1.15 -35.69 -12.28
N PHE D 17 -0.84 -36.61 -11.35
CA PHE D 17 -1.15 -38.05 -11.61
C PHE D 17 -2.25 -38.49 -10.65
N PHE D 18 -2.99 -39.56 -11.00
CA PHE D 18 -4.22 -39.86 -10.27
C PHE D 18 -4.25 -41.31 -9.96
N ASP D 19 -4.91 -41.63 -8.86
CA ASP D 19 -5.24 -43.04 -8.54
C ASP D 19 -6.27 -43.66 -9.51
N THR D 20 -6.19 -44.98 -9.67
CA THR D 20 -7.17 -45.64 -10.55
C THR D 20 -8.64 -45.26 -10.24
N ASN D 21 -9.34 -44.85 -11.30
CA ASN D 21 -10.73 -44.47 -11.23
C ASN D 21 -10.99 -43.19 -10.45
N LYS D 22 -9.95 -42.43 -10.11
CA LYS D 22 -10.14 -41.22 -9.35
C LYS D 22 -9.76 -39.95 -10.13
N SER D 23 -10.41 -38.84 -9.80
CA SER D 23 -10.10 -37.58 -10.51
C SER D 23 -9.81 -36.57 -9.40
N ASN D 24 -9.51 -37.03 -8.18
CA ASN D 24 -9.21 -36.03 -7.11
C ASN D 24 -7.75 -35.55 -7.24
N ILE D 25 -7.44 -34.32 -6.85
CA ILE D 25 -6.03 -33.87 -6.87
C ILE D 25 -5.43 -34.11 -5.49
N LYS D 26 -4.37 -34.88 -5.40
CA LYS D 26 -3.78 -35.17 -4.10
C LYS D 26 -3.06 -33.94 -3.55
N ASP D 27 -2.88 -33.93 -2.24
CA ASP D 27 -2.34 -32.77 -1.54
C ASP D 27 -0.97 -32.37 -2.04
N GLN D 28 -0.12 -33.31 -2.40
CA GLN D 28 1.23 -32.91 -2.78
C GLN D 28 1.26 -31.92 -4.00
N TYR D 29 0.16 -31.84 -4.73
CA TYR D 29 0.17 -31.00 -5.93
C TYR D 29 -0.17 -29.56 -5.63
N LYS D 30 -0.59 -29.23 -4.42
CA LYS D 30 -1.07 -27.87 -4.19
C LYS D 30 0.00 -26.76 -4.46
N PRO D 31 1.28 -26.96 -4.01
CA PRO D 31 2.30 -25.97 -4.34
C PRO D 31 2.53 -25.73 -5.85
N GLU D 32 2.36 -26.76 -6.71
CA GLU D 32 2.59 -26.55 -8.12
C GLU D 32 1.35 -25.88 -8.68
N ILE D 33 0.17 -26.19 -8.17
CA ILE D 33 -1.00 -25.54 -8.66
C ILE D 33 -0.92 -24.09 -8.29
N ALA D 34 -0.41 -23.83 -7.09
CA ALA D 34 -0.32 -22.43 -6.59
C ALA D 34 0.64 -21.60 -7.44
N LYS D 35 1.73 -22.24 -7.89
CA LYS D 35 2.76 -21.55 -8.75
C LYS D 35 2.15 -21.25 -10.08
N VAL D 36 1.37 -22.15 -10.62
CA VAL D 36 0.66 -21.88 -11.87
C VAL D 36 -0.30 -20.68 -11.65
N ALA D 37 -1.07 -20.67 -10.55
CA ALA D 37 -1.99 -19.53 -10.34
C ALA D 37 -1.19 -18.20 -10.24
N GLU D 38 -0.07 -18.25 -9.59
CA GLU D 38 0.82 -17.06 -9.46
C GLU D 38 1.26 -16.58 -10.84
N LYS D 39 1.75 -17.50 -11.71
CA LYS D 39 2.18 -17.08 -13.06
C LYS D 39 1.04 -16.59 -13.87
N LEU D 40 -0.12 -17.21 -13.73
CA LEU D 40 -1.33 -16.70 -14.46
C LEU D 40 -1.76 -15.31 -14.01
N SER D 41 -1.46 -14.97 -12.79
CA SER D 41 -1.70 -13.62 -12.32
C SER D 41 -0.62 -12.67 -12.84
N GLU D 42 0.62 -13.14 -12.96
CA GLU D 42 1.76 -12.30 -13.36
C GLU D 42 1.80 -12.08 -14.87
N TYR D 43 1.17 -13.00 -15.62
CA TYR D 43 0.98 -12.90 -17.06
C TYR D 43 -0.51 -12.95 -17.35
N PRO D 44 -1.17 -11.77 -17.27
CA PRO D 44 -2.66 -11.64 -17.40
C PRO D 44 -3.17 -12.21 -18.69
N ASN D 45 -2.39 -12.23 -19.73
CA ASN D 45 -2.94 -12.77 -21.00
C ASN D 45 -2.68 -14.25 -21.20
N ALA D 46 -1.95 -14.85 -20.26
CA ALA D 46 -1.66 -16.29 -20.37
C ALA D 46 -2.94 -17.17 -20.34
N THR D 47 -2.87 -18.33 -20.97
CA THR D 47 -4.01 -19.23 -20.96
C THR D 47 -3.44 -20.59 -20.68
N ALA D 48 -4.30 -21.54 -20.32
CA ALA D 48 -3.83 -22.89 -20.02
C ALA D 48 -4.64 -23.90 -20.81
N ARG D 49 -4.02 -24.94 -21.32
CA ARG D 49 -4.82 -25.99 -21.93
C ARG D 49 -4.58 -27.26 -21.09
N ILE D 50 -5.65 -27.79 -20.54
CA ILE D 50 -5.51 -28.74 -19.48
C ILE D 50 -6.05 -30.02 -20.04
N GLU D 51 -5.23 -31.06 -20.11
CA GLU D 51 -5.54 -32.27 -20.92
C GLU D 51 -5.49 -33.48 -19.97
N GLY D 52 -6.59 -34.26 -19.91
CA GLY D 52 -6.67 -35.39 -18.98
C GLY D 52 -6.64 -36.69 -19.77
N HIS D 53 -6.21 -37.74 -19.09
CA HIS D 53 -5.91 -39.03 -19.67
C HIS D 53 -6.21 -40.15 -18.67
N THR D 54 -6.36 -41.38 -19.22
CA THR D 54 -6.60 -42.53 -18.41
C THR D 54 -5.55 -43.57 -18.86
N ASP D 55 -5.37 -44.61 -18.01
CA ASP D 55 -4.72 -45.78 -18.56
C ASP D 55 -5.80 -46.55 -19.37
N ASN D 56 -5.42 -47.68 -19.96
CA ASN D 56 -6.29 -48.32 -20.92
C ASN D 56 -7.18 -49.43 -20.32
N THR D 57 -7.34 -49.44 -19.00
CA THR D 57 -8.25 -50.37 -18.34
C THR D 57 -9.70 -49.90 -18.24
N GLY D 58 -10.65 -50.79 -18.51
CA GLY D 58 -12.03 -50.45 -18.21
C GLY D 58 -12.63 -50.02 -19.55
N PRO D 59 -13.94 -49.84 -19.53
CA PRO D 59 -14.74 -49.54 -20.70
C PRO D 59 -14.37 -48.18 -21.29
N ARG D 60 -14.49 -48.05 -22.61
CA ARG D 60 -14.22 -46.76 -23.26
C ARG D 60 -14.97 -45.53 -22.67
N LYS D 61 -16.28 -45.67 -22.43
CA LYS D 61 -17.03 -44.48 -22.07
C LYS D 61 -16.70 -43.98 -20.68
N LEU D 62 -16.52 -44.91 -19.73
CA LEU D 62 -15.99 -44.54 -18.38
C LEU D 62 -14.68 -43.70 -18.51
N ASN D 63 -13.77 -44.13 -19.38
CA ASN D 63 -12.45 -43.47 -19.57
C ASN D 63 -12.54 -42.14 -20.24
N GLU D 64 -13.43 -42.01 -21.22
CA GLU D 64 -13.71 -40.69 -21.80
C GLU D 64 -14.17 -39.77 -20.71
N ARG D 65 -15.17 -40.19 -19.90
CA ARG D 65 -15.65 -39.30 -18.83
C ARG D 65 -14.57 -38.99 -17.77
N LEU D 66 -13.80 -40.00 -17.43
CA LEU D 66 -12.81 -39.90 -16.33
C LEU D 66 -11.63 -39.00 -16.83
N SER D 67 -11.22 -39.10 -18.11
CA SER D 67 -10.09 -38.25 -18.57
C SER D 67 -10.55 -36.82 -18.53
N LEU D 68 -11.81 -36.56 -18.90
CA LEU D 68 -12.28 -35.17 -18.85
C LEU D 68 -12.48 -34.67 -17.43
N ALA D 69 -13.02 -35.56 -16.53
CA ALA D 69 -13.15 -35.27 -15.14
C ALA D 69 -11.82 -34.91 -14.49
N ARG D 70 -10.74 -35.57 -14.89
CA ARG D 70 -9.43 -35.21 -14.28
C ARG D 70 -8.98 -33.78 -14.74
N ALA D 71 -9.22 -33.46 -16.02
CA ALA D 71 -8.85 -32.14 -16.55
C ALA D 71 -9.70 -31.09 -15.86
N ASN D 72 -11.00 -31.36 -15.78
CA ASN D 72 -11.90 -30.45 -15.06
C ASN D 72 -11.62 -30.27 -13.52
N SER D 73 -11.00 -31.25 -12.84
CA SER D 73 -10.63 -31.08 -11.44
C SER D 73 -9.52 -30.08 -11.30
N VAL D 74 -8.60 -30.13 -12.25
CA VAL D 74 -7.48 -29.14 -12.29
C VAL D 74 -7.99 -27.76 -12.60
N LYS D 75 -8.89 -27.66 -13.60
CA LYS D 75 -9.50 -26.36 -13.93
C LYS D 75 -10.28 -25.87 -12.73
N SER D 76 -11.08 -26.76 -12.17
CA SER D 76 -11.85 -26.38 -11.00
C SER D 76 -11.01 -25.88 -9.80
N ALA D 77 -9.84 -26.50 -9.55
CA ALA D 77 -8.96 -26.05 -8.49
C ALA D 77 -8.49 -24.62 -8.81
N LEU D 78 -8.10 -24.39 -10.06
CA LEU D 78 -7.66 -23.07 -10.37
C LEU D 78 -8.76 -22.00 -10.36
N VAL D 79 -9.97 -22.32 -10.82
CA VAL D 79 -11.08 -21.34 -10.81
C VAL D 79 -11.61 -21.10 -9.39
N ASN D 80 -11.87 -22.21 -8.69
CA ASN D 80 -12.55 -22.09 -7.39
C ASN D 80 -11.64 -21.78 -6.22
N GLU D 81 -10.44 -22.29 -6.24
CA GLU D 81 -9.55 -22.00 -5.09
C GLU D 81 -8.65 -20.83 -5.35
N TYR D 82 -8.30 -20.57 -6.60
CA TYR D 82 -7.32 -19.48 -6.91
C TYR D 82 -7.92 -18.35 -7.73
N ASN D 83 -9.21 -18.38 -7.98
CA ASN D 83 -9.94 -17.29 -8.61
C ASN D 83 -9.48 -16.96 -10.01
N VAL D 84 -9.04 -17.99 -10.78
CA VAL D 84 -8.61 -17.72 -12.16
C VAL D 84 -9.84 -17.62 -12.99
N ASP D 85 -9.84 -16.71 -13.96
CA ASP D 85 -10.94 -16.62 -14.88
C ASP D 85 -11.06 -17.95 -15.68
N ALA D 86 -12.23 -18.63 -15.58
CA ALA D 86 -12.47 -19.89 -16.22
C ALA D 86 -12.29 -19.79 -17.69
N SER D 87 -12.51 -18.58 -18.24
CA SER D 87 -12.39 -18.42 -19.65
C SER D 87 -10.94 -18.53 -20.13
N ARG D 88 -9.96 -18.51 -19.21
CA ARG D 88 -8.54 -18.67 -19.60
C ARG D 88 -8.08 -20.10 -19.63
N LEU D 89 -8.99 -21.02 -19.34
CA LEU D 89 -8.54 -22.39 -19.18
C LEU D 89 -9.42 -23.27 -19.97
N SER D 90 -8.83 -24.11 -20.79
CA SER D 90 -9.60 -25.09 -21.57
C SER D 90 -9.31 -26.49 -21.02
N THR D 91 -10.29 -27.39 -21.22
CA THR D 91 -10.09 -28.72 -20.68
C THR D 91 -10.49 -29.69 -21.76
N GLN D 92 -9.85 -30.85 -21.78
CA GLN D 92 -10.16 -31.85 -22.83
C GLN D 92 -9.72 -33.20 -22.32
N GLY D 93 -10.51 -34.21 -22.53
CA GLY D 93 -10.03 -35.54 -22.17
C GLY D 93 -9.76 -36.40 -23.35
N PHE D 94 -8.78 -37.25 -23.16
CA PHE D 94 -8.24 -38.03 -24.25
C PHE D 94 -8.43 -39.52 -24.02
N ALA D 95 -9.19 -39.86 -22.97
CA ALA D 95 -9.28 -41.29 -22.60
C ALA D 95 -7.88 -41.92 -22.63
N TRP D 96 -7.72 -43.11 -23.21
CA TRP D 96 -6.43 -43.77 -23.26
C TRP D 96 -5.67 -43.56 -24.58
N ASP D 97 -6.09 -42.57 -25.35
CA ASP D 97 -5.56 -42.39 -26.71
C ASP D 97 -4.15 -41.82 -26.80
N GLN D 98 -3.65 -41.22 -25.72
CA GLN D 98 -2.28 -40.62 -25.74
C GLN D 98 -1.46 -41.14 -24.53
N PRO D 99 -1.16 -42.45 -24.51
CA PRO D 99 -0.28 -43.06 -23.52
C PRO D 99 1.13 -42.41 -23.54
N ILE D 100 1.74 -42.22 -22.37
CA ILE D 100 3.16 -41.82 -22.32
C ILE D 100 4.00 -42.95 -21.84
N ALA D 101 3.31 -44.02 -21.43
CA ALA D 101 3.98 -45.21 -20.98
C ALA D 101 3.18 -46.44 -21.31
N ASP D 102 3.83 -47.57 -21.18
CA ASP D 102 3.25 -48.86 -21.51
C ASP D 102 2.19 -49.26 -20.50
N ASN D 103 0.97 -49.50 -20.97
CA ASN D 103 -0.13 -49.88 -20.10
C ASN D 103 -0.02 -51.30 -19.58
N LYS D 104 1.06 -51.98 -19.98
CA LYS D 104 1.24 -53.39 -19.62
C LYS D 104 1.79 -53.47 -18.23
N THR D 105 2.38 -52.41 -17.71
CA THR D 105 2.92 -52.46 -16.33
C THR D 105 2.14 -51.54 -15.38
N LYS D 106 2.22 -51.85 -14.08
CA LYS D 106 1.68 -51.02 -13.04
C LYS D 106 2.21 -49.55 -13.07
N GLU D 107 3.54 -49.34 -13.15
CA GLU D 107 4.08 -47.98 -13.16
C GLU D 107 3.73 -47.31 -14.49
N GLY D 108 3.58 -48.10 -15.56
CA GLY D 108 3.27 -47.53 -16.88
C GLY D 108 1.83 -46.96 -16.81
N ARG D 109 0.89 -47.77 -16.34
CA ARG D 109 -0.47 -47.31 -16.11
C ARG D 109 -0.53 -46.09 -15.20
N ALA D 110 0.26 -46.07 -14.13
CA ALA D 110 0.22 -44.98 -13.18
C ALA D 110 0.62 -43.67 -13.88
N MET D 111 1.61 -43.79 -14.77
CA MET D 111 2.06 -42.62 -15.50
C MET D 111 0.97 -42.13 -16.46
N ASN D 112 0.16 -43.06 -17.00
CA ASN D 112 -0.86 -42.69 -17.98
C ASN D 112 -2.08 -42.00 -17.33
N ARG D 113 -2.35 -42.21 -16.03
CA ARG D 113 -3.52 -41.61 -15.40
C ARG D 113 -3.06 -40.21 -15.03
N ARG D 114 -3.21 -39.23 -15.91
CA ARG D 114 -2.58 -37.92 -15.63
C ARG D 114 -3.36 -36.78 -16.24
N VAL D 115 -3.11 -35.59 -15.73
CA VAL D 115 -3.40 -34.34 -16.43
C VAL D 115 -2.05 -33.75 -16.82
N PHE D 116 -1.93 -33.26 -18.03
CA PHE D 116 -0.80 -32.36 -18.41
C PHE D 116 -1.45 -31.01 -18.74
N ALA D 117 -1.01 -29.96 -18.09
CA ALA D 117 -1.55 -28.63 -18.38
C ALA D 117 -0.38 -27.83 -18.91
N THR D 118 -0.61 -27.14 -20.02
CA THR D 118 0.41 -26.30 -20.62
C THR D 118 -0.08 -24.90 -20.52
N ILE D 119 0.75 -24.04 -19.98
CA ILE D 119 0.35 -22.66 -19.72
C ILE D 119 1.30 -21.79 -20.57
N THR D 120 0.75 -20.87 -21.36
CA THR D 120 1.59 -20.03 -22.27
C THR D 120 1.02 -18.63 -22.20
N GLY D 121 1.91 -17.65 -22.19
CA GLY D 121 1.49 -16.27 -22.30
C GLY D 121 2.72 -15.43 -22.46
N SER D 122 2.51 -14.13 -22.47
CA SER D 122 3.64 -13.22 -22.61
C SER D 122 3.23 -11.89 -21.99
N ARG D 123 4.18 -11.08 -21.65
CA ARG D 123 3.80 -9.75 -21.12
C ARG D 123 4.87 -8.74 -21.62
N MET E 4 21.55 -20.65 -25.23
CA MET E 4 22.11 -21.41 -24.05
C MET E 4 20.94 -21.94 -23.19
N GLU E 5 20.96 -23.22 -22.82
CA GLU E 5 19.94 -23.82 -21.91
C GLU E 5 20.72 -24.22 -20.69
N LEU E 6 20.24 -23.79 -19.52
CA LEU E 6 20.98 -24.06 -18.28
C LEU E 6 19.88 -24.43 -17.27
N THR E 7 20.08 -25.54 -16.59
CA THR E 7 19.09 -26.04 -15.56
C THR E 7 19.96 -26.60 -14.45
N GLU E 8 19.64 -26.23 -13.21
CA GLU E 8 20.17 -26.92 -12.08
C GLU E 8 18.96 -27.43 -11.33
N ASP E 9 19.02 -28.72 -10.96
CA ASP E 9 17.90 -29.39 -10.32
C ASP E 9 18.29 -29.72 -8.94
N LEU E 10 17.45 -29.33 -7.96
CA LEU E 10 17.71 -29.56 -6.55
C LEU E 10 16.84 -30.77 -6.16
N ASN E 11 17.41 -31.71 -5.39
CA ASN E 11 16.59 -32.78 -4.82
C ASN E 11 17.08 -32.91 -3.38
N MET E 12 16.20 -32.71 -2.39
CA MET E 12 16.70 -32.77 -0.98
C MET E 12 15.67 -33.61 -0.28
N GLU E 13 16.14 -34.28 0.75
CA GLU E 13 15.27 -35.13 1.61
C GLU E 13 15.62 -34.72 3.03
N LEU E 14 14.61 -34.49 3.86
CA LEU E 14 14.85 -34.09 5.23
C LEU E 14 14.07 -35.19 6.04
N ARG E 15 14.64 -35.62 7.16
CA ARG E 15 13.86 -36.56 8.03
C ARG E 15 13.95 -35.93 9.47
N VAL E 16 12.81 -35.88 10.18
CA VAL E 16 12.75 -35.34 11.49
C VAL E 16 11.98 -36.42 12.29
N PHE E 17 12.42 -36.69 13.50
CA PHE E 17 11.74 -37.74 14.30
C PHE E 17 11.20 -37.12 15.58
N PHE E 18 10.14 -37.75 16.13
CA PHE E 18 9.38 -37.18 17.19
C PHE E 18 9.22 -38.14 18.38
N ASP E 19 9.11 -37.54 19.55
CA ASP E 19 8.62 -38.30 20.72
C ASP E 19 7.20 -38.72 20.64
N THR E 20 6.86 -39.75 21.44
CA THR E 20 5.47 -40.27 21.48
C THR E 20 4.49 -39.19 21.81
N ASN E 21 3.46 -39.11 21.01
CA ASN E 21 2.40 -38.12 21.11
C ASN E 21 2.80 -36.67 20.96
N LYS E 22 3.99 -36.40 20.47
CA LYS E 22 4.50 -35.02 20.34
C LYS E 22 4.71 -34.63 18.86
N SER E 23 4.48 -33.35 18.54
CA SER E 23 4.68 -32.89 17.14
C SER E 23 5.72 -31.74 17.25
N ASN E 24 6.36 -31.56 18.40
CA ASN E 24 7.44 -30.54 18.46
C ASN E 24 8.72 -31.00 17.77
N ILE E 25 9.40 -30.04 17.15
CA ILE E 25 10.65 -30.29 16.48
C ILE E 25 11.80 -30.06 17.45
N LYS E 26 12.57 -31.11 17.72
CA LYS E 26 13.71 -30.97 18.64
C LYS E 26 14.76 -30.05 18.04
N ASP E 27 15.42 -29.26 18.88
CA ASP E 27 16.43 -28.32 18.39
C ASP E 27 17.55 -29.00 17.59
N GLN E 28 17.83 -30.30 17.87
CA GLN E 28 18.84 -30.97 17.05
C GLN E 28 18.57 -30.88 15.52
N TYR E 29 17.32 -30.72 15.14
CA TYR E 29 16.94 -30.78 13.70
C TYR E 29 17.03 -29.40 13.10
N LYS E 30 17.26 -28.39 13.95
CA LYS E 30 17.21 -27.06 13.38
C LYS E 30 18.23 -26.74 12.30
N PRO E 31 19.47 -27.19 12.43
CA PRO E 31 20.41 -26.85 11.32
C PRO E 31 19.93 -27.44 9.96
N GLU E 32 19.34 -28.66 10.01
CA GLU E 32 18.87 -29.27 8.74
C GLU E 32 17.72 -28.48 8.19
N ILE E 33 16.82 -28.03 9.04
CA ILE E 33 15.73 -27.21 8.55
C ILE E 33 16.25 -25.89 7.92
N ALA E 34 17.21 -25.29 8.62
CA ALA E 34 17.84 -24.08 8.09
C ALA E 34 18.50 -24.32 6.73
N LYS E 35 19.16 -25.44 6.57
CA LYS E 35 19.70 -25.74 5.23
C LYS E 35 18.62 -25.94 4.20
N VAL E 36 17.47 -26.53 4.56
CA VAL E 36 16.36 -26.58 3.60
C VAL E 36 15.93 -25.20 3.27
N ALA E 37 15.75 -24.35 4.31
CA ALA E 37 15.40 -22.94 4.00
C ALA E 37 16.42 -22.23 3.07
N GLU E 38 17.70 -22.40 3.29
CA GLU E 38 18.75 -21.86 2.37
C GLU E 38 18.51 -22.31 0.93
N LYS E 39 18.34 -23.65 0.70
CA LYS E 39 18.04 -24.13 -0.65
C LYS E 39 16.77 -23.59 -1.26
N LEU E 40 15.72 -23.40 -0.42
CA LEU E 40 14.46 -22.79 -0.92
C LEU E 40 14.64 -21.37 -1.38
N SER E 41 15.57 -20.65 -0.80
CA SER E 41 15.92 -19.29 -1.20
C SER E 41 16.79 -19.32 -2.50
N GLU E 42 17.73 -20.29 -2.58
CA GLU E 42 18.68 -20.44 -3.76
C GLU E 42 17.90 -20.97 -4.98
N TYR E 43 16.85 -21.74 -4.72
CA TYR E 43 16.02 -22.27 -5.80
C TYR E 43 14.57 -21.76 -5.52
N PRO E 44 14.31 -20.51 -5.89
CA PRO E 44 12.98 -19.92 -5.51
C PRO E 44 11.69 -20.59 -6.08
N ASN E 45 11.82 -21.40 -7.13
CA ASN E 45 10.68 -22.14 -7.63
C ASN E 45 10.48 -23.49 -6.94
N ALA E 46 11.48 -23.92 -6.17
CA ALA E 46 11.35 -25.25 -5.51
C ALA E 46 10.16 -25.32 -4.51
N THR E 47 9.61 -26.53 -4.33
CA THR E 47 8.49 -26.70 -3.42
C THR E 47 8.83 -27.86 -2.52
N ALA E 48 8.11 -28.03 -1.41
CA ALA E 48 8.44 -29.14 -0.53
C ALA E 48 7.16 -29.94 -0.27
N ARG E 49 7.31 -31.27 -0.22
CA ARG E 49 6.19 -32.13 0.05
C ARG E 49 6.52 -32.75 1.44
N ILE E 50 5.80 -32.32 2.45
CA ILE E 50 6.15 -32.64 3.81
C ILE E 50 5.08 -33.70 4.25
N GLU E 51 5.54 -34.84 4.83
CA GLU E 51 4.60 -35.91 5.04
C GLU E 51 4.87 -36.44 6.44
N GLY E 52 3.86 -36.42 7.28
CA GLY E 52 4.06 -36.83 8.67
C GLY E 52 3.43 -38.22 8.94
N HIS E 53 3.88 -38.82 10.05
CA HIS E 53 3.62 -40.24 10.29
C HIS E 53 3.54 -40.43 11.73
N THR E 54 2.90 -41.57 12.07
CA THR E 54 3.00 -41.96 13.46
C THR E 54 3.39 -43.48 13.54
N ASP E 55 3.73 -43.91 14.74
CA ASP E 55 3.64 -45.37 14.99
C ASP E 55 2.17 -45.83 15.13
N ASN E 56 1.98 -47.17 15.22
CA ASN E 56 0.62 -47.64 15.14
C ASN E 56 -0.04 -47.80 16.49
N THR E 57 0.46 -47.12 17.51
CA THR E 57 -0.21 -47.14 18.84
C THR E 57 -1.30 -46.10 19.00
N GLY E 58 -2.43 -46.43 19.66
CA GLY E 58 -3.58 -45.47 19.68
C GLY E 58 -4.58 -45.48 18.54
N PRO E 59 -5.76 -44.80 18.72
CA PRO E 59 -6.83 -44.87 17.75
C PRO E 59 -6.46 -44.11 16.49
N ARG E 60 -7.12 -44.55 15.42
CA ARG E 60 -6.86 -44.01 14.10
C ARG E 60 -6.91 -42.48 14.03
N LYS E 61 -8.04 -41.94 14.51
CA LYS E 61 -8.32 -40.52 14.40
C LYS E 61 -7.29 -39.67 15.09
N LEU E 62 -6.89 -40.08 16.29
CA LEU E 62 -5.83 -39.38 16.95
C LEU E 62 -4.52 -39.32 16.07
N ASN E 63 -4.12 -40.45 15.52
CA ASN E 63 -2.92 -40.51 14.72
C ASN E 63 -3.03 -39.78 13.36
N GLU E 64 -4.23 -39.67 12.79
CA GLU E 64 -4.41 -38.86 11.56
C GLU E 64 -4.09 -37.42 11.94
N ARG E 65 -4.60 -37.02 13.09
CA ARG E 65 -4.39 -35.62 13.53
C ARG E 65 -2.92 -35.33 13.85
N LEU E 66 -2.30 -36.28 14.54
CA LEU E 66 -0.92 -36.16 15.00
C LEU E 66 0.08 -36.20 13.83
N SER E 67 -0.14 -37.11 12.89
CA SER E 67 0.76 -37.21 11.70
C SER E 67 0.66 -35.87 10.90
N LEU E 68 -0.53 -35.32 10.85
CA LEU E 68 -0.72 -34.03 10.11
C LEU E 68 -0.02 -32.92 10.94
N ALA E 69 -0.14 -33.00 12.28
CA ALA E 69 0.51 -31.96 13.12
C ALA E 69 2.01 -32.01 13.01
N ARG E 70 2.60 -33.19 12.87
CA ARG E 70 3.99 -33.30 12.73
C ARG E 70 4.42 -32.59 11.37
N ALA E 71 3.72 -32.90 10.32
CA ALA E 71 4.02 -32.28 8.99
C ALA E 71 3.89 -30.77 9.11
N ASN E 72 2.82 -30.38 9.78
CA ASN E 72 2.60 -28.94 10.03
C ASN E 72 3.65 -28.26 10.85
N SER E 73 4.27 -28.94 11.81
CA SER E 73 5.40 -28.32 12.53
C SER E 73 6.58 -28.00 11.71
N VAL E 74 6.84 -28.86 10.71
CA VAL E 74 7.99 -28.63 9.90
C VAL E 74 7.68 -27.43 8.98
N LYS E 75 6.47 -27.39 8.48
CA LYS E 75 6.06 -26.28 7.64
C LYS E 75 6.09 -24.98 8.45
N SER E 76 5.56 -25.03 9.66
CA SER E 76 5.57 -23.79 10.49
C SER E 76 6.98 -23.33 10.81
N ALA E 77 7.93 -24.25 11.04
CA ALA E 77 9.29 -23.81 11.26
C ALA E 77 9.83 -23.08 10.02
N LEU E 78 9.60 -23.59 8.82
CA LEU E 78 10.17 -22.92 7.64
C LEU E 78 9.49 -21.55 7.47
N VAL E 79 8.19 -21.51 7.70
CA VAL E 79 7.42 -20.19 7.46
C VAL E 79 7.71 -19.21 8.58
N ASN E 80 7.66 -19.65 9.83
CA ASN E 80 7.78 -18.75 10.99
C ASN E 80 9.24 -18.36 11.17
N GLU E 81 10.19 -19.33 11.03
CA GLU E 81 11.60 -19.01 11.34
C GLU E 81 12.35 -18.42 10.15
N TYR E 82 12.00 -18.83 8.93
CA TYR E 82 12.78 -18.52 7.74
C TYR E 82 12.03 -17.72 6.70
N ASN E 83 10.78 -17.37 6.99
CA ASN E 83 10.00 -16.57 6.05
C ASN E 83 9.80 -17.24 4.70
N VAL E 84 9.74 -18.58 4.71
CA VAL E 84 9.41 -19.29 3.48
C VAL E 84 7.95 -19.04 3.11
N ASP E 85 7.63 -18.84 1.84
CA ASP E 85 6.23 -18.69 1.43
C ASP E 85 5.49 -20.01 1.70
N ALA E 86 4.46 -19.99 2.57
CA ALA E 86 3.72 -21.22 2.94
C ALA E 86 3.15 -21.92 1.70
N SER E 87 2.84 -21.22 0.62
CA SER E 87 2.23 -21.87 -0.57
C SER E 87 3.18 -22.82 -1.33
N ARG E 88 4.47 -22.67 -1.05
CA ARG E 88 5.50 -23.63 -1.62
C ARG E 88 5.56 -24.96 -0.95
N LEU E 89 4.78 -25.18 0.12
CA LEU E 89 5.02 -26.30 1.11
C LEU E 89 3.72 -27.06 1.23
N SER E 90 3.63 -28.30 0.89
CA SER E 90 2.41 -29.01 1.13
C SER E 90 2.63 -29.80 2.42
N THR E 91 1.49 -30.08 3.10
CA THR E 91 1.59 -30.95 4.31
C THR E 91 0.51 -32.01 4.26
N GLN E 92 0.84 -33.19 4.72
CA GLN E 92 -0.15 -34.27 4.72
C GLN E 92 0.27 -35.27 5.81
N GLY E 93 -0.72 -35.84 6.52
CA GLY E 93 -0.39 -36.90 7.49
C GLY E 93 -0.92 -38.28 7.03
N PHE E 94 -0.19 -39.34 7.40
CA PHE E 94 -0.46 -40.66 6.91
C PHE E 94 -0.79 -41.61 8.03
N ALA E 95 -0.97 -41.06 9.21
CA ALA E 95 -1.12 -41.85 10.46
C ALA E 95 -0.06 -42.97 10.38
N TRP E 96 -0.46 -44.25 10.55
CA TRP E 96 0.51 -45.37 10.68
C TRP E 96 0.61 -46.12 9.40
N ASP E 97 0.07 -45.59 8.29
CA ASP E 97 -0.08 -46.37 7.06
C ASP E 97 1.22 -46.76 6.31
N GLN E 98 2.28 -45.96 6.51
CA GLN E 98 3.60 -46.12 5.87
C GLN E 98 4.73 -46.33 6.85
N PRO E 99 4.69 -47.46 7.64
CA PRO E 99 5.78 -47.67 8.58
C PRO E 99 7.13 -47.88 7.87
N ILE E 100 8.24 -47.45 8.48
CA ILE E 100 9.57 -47.71 7.95
C ILE E 100 10.32 -48.63 8.88
N ALA E 101 9.59 -49.08 9.93
CA ALA E 101 10.26 -49.97 10.93
C ALA E 101 9.21 -50.75 11.69
N ASP E 102 9.69 -51.69 12.50
CA ASP E 102 8.77 -52.60 13.17
C ASP E 102 8.03 -51.93 14.34
N ASN E 103 6.70 -51.90 14.30
CA ASN E 103 5.93 -51.26 15.38
C ASN E 103 5.92 -52.04 16.70
N LYS E 104 6.40 -53.29 16.64
CA LYS E 104 6.52 -54.15 17.82
C LYS E 104 7.62 -53.75 18.77
N THR E 105 8.59 -52.96 18.33
CA THR E 105 9.71 -52.59 19.16
C THR E 105 9.68 -51.09 19.46
N LYS E 106 10.34 -50.69 20.55
CA LYS E 106 10.48 -49.26 20.88
C LYS E 106 11.32 -48.54 19.83
N GLU E 107 12.41 -49.19 19.40
CA GLU E 107 13.28 -48.58 18.42
C GLU E 107 12.54 -48.34 17.11
N GLY E 108 11.74 -49.30 16.65
CA GLY E 108 11.02 -49.28 15.39
C GLY E 108 9.95 -48.25 15.53
N ARG E 109 9.24 -48.25 16.67
CA ARG E 109 8.19 -47.19 16.78
C ARG E 109 8.85 -45.80 16.71
N ALA E 110 10.03 -45.63 17.25
CA ALA E 110 10.77 -44.32 17.23
C ALA E 110 11.02 -43.90 15.74
N MET E 111 11.29 -44.90 14.90
CA MET E 111 11.47 -44.54 13.49
C MET E 111 10.21 -44.21 12.83
N ASN E 112 9.06 -44.72 13.27
CA ASN E 112 7.85 -44.47 12.55
C ASN E 112 7.27 -43.16 12.96
N ARG E 113 7.72 -42.58 14.05
CA ARG E 113 7.14 -41.24 14.43
C ARG E 113 8.02 -40.18 13.75
N ARG E 114 7.57 -39.71 12.59
CA ARG E 114 8.54 -38.93 11.77
C ARG E 114 7.84 -38.06 10.77
N VAL E 115 8.65 -37.18 10.18
CA VAL E 115 8.23 -36.51 8.98
C VAL E 115 9.36 -36.73 7.98
N PHE E 116 8.98 -37.09 6.76
CA PHE E 116 9.90 -37.02 5.68
C PHE E 116 9.45 -35.91 4.78
N ALA E 117 10.42 -35.14 4.29
CA ALA E 117 10.02 -34.10 3.38
C ALA E 117 10.96 -34.19 2.20
N THR E 118 10.41 -33.93 1.02
CA THR E 118 11.22 -33.93 -0.22
C THR E 118 11.03 -32.55 -0.77
N ILE E 119 12.17 -31.98 -1.15
CA ILE E 119 12.24 -30.62 -1.67
C ILE E 119 12.81 -30.76 -3.09
N THR E 120 12.06 -30.26 -4.09
CA THR E 120 12.56 -30.44 -5.43
C THR E 120 12.28 -29.14 -6.21
N GLY E 121 13.15 -28.86 -7.17
CA GLY E 121 12.82 -27.86 -8.12
C GLY E 121 14.03 -27.51 -8.90
N SER E 122 13.89 -26.52 -9.79
CA SER E 122 14.98 -26.25 -10.76
C SER E 122 15.15 -24.76 -10.81
N ARG E 123 16.35 -24.34 -11.15
CA ARG E 123 16.57 -22.94 -11.45
C ARG E 123 17.38 -22.88 -12.77
N SER F 2 -13.00 10.86 19.25
CA SER F 2 -11.69 10.25 19.08
C SER F 2 -11.08 10.74 20.39
N HIS F 3 -9.77 10.91 20.36
CA HIS F 3 -9.01 11.24 21.56
C HIS F 3 -8.38 12.66 21.34
N MET F 4 -8.94 13.42 20.39
CA MET F 4 -8.41 14.76 20.23
C MET F 4 -9.54 15.73 19.95
N GLU F 5 -9.42 16.94 20.42
CA GLU F 5 -10.35 18.00 19.95
C GLU F 5 -9.46 19.10 19.35
N LEU F 6 -9.85 19.75 18.28
CA LEU F 6 -9.00 20.80 17.82
C LEU F 6 -10.00 21.87 17.33
N THR F 7 -9.70 23.09 17.69
CA THR F 7 -10.44 24.25 17.07
C THR F 7 -9.41 25.32 16.64
N GLU F 8 -9.72 26.04 15.56
CA GLU F 8 -8.89 27.23 15.17
C GLU F 8 -9.92 28.39 15.11
N ASP F 9 -9.66 29.48 15.83
CA ASP F 9 -10.58 30.65 15.96
C ASP F 9 -10.01 31.73 15.03
N LEU F 10 -10.85 32.23 14.13
CA LEU F 10 -10.44 33.35 13.28
C LEU F 10 -10.95 34.66 13.93
N ASN F 11 -10.08 35.69 13.94
CA ASN F 11 -10.52 37.02 14.39
C ASN F 11 -9.91 38.00 13.38
N MET F 12 -10.77 38.82 12.76
CA MET F 12 -10.20 39.76 11.76
C MET F 12 -10.95 41.02 11.98
N GLU F 13 -10.26 42.13 11.73
CA GLU F 13 -10.88 43.43 11.77
C GLU F 13 -10.50 44.18 10.50
N LEU F 14 -11.49 44.59 9.72
CA LEU F 14 -11.19 45.39 8.48
C LEU F 14 -11.73 46.81 8.77
N ARG F 15 -10.96 47.88 8.42
CA ARG F 15 -11.39 49.25 8.74
C ARG F 15 -11.35 49.95 7.39
N VAL F 16 -12.50 50.49 6.95
CA VAL F 16 -12.49 51.14 5.68
C VAL F 16 -12.94 52.55 5.94
N PHE F 17 -12.26 53.54 5.28
CA PHE F 17 -12.57 54.94 5.62
C PHE F 17 -13.15 55.60 4.33
N PHE F 18 -13.99 56.64 4.52
CA PHE F 18 -14.74 57.14 3.39
C PHE F 18 -14.59 58.68 3.31
N ASP F 19 -14.67 59.21 2.08
CA ASP F 19 -14.84 60.67 1.97
C ASP F 19 -16.21 61.24 2.45
N THR F 20 -16.22 62.55 2.78
CA THR F 20 -17.43 63.20 3.16
C THR F 20 -18.54 62.90 2.19
N ASN F 21 -19.70 62.59 2.76
CA ASN F 21 -20.93 62.24 2.02
C ASN F 21 -20.77 61.06 1.04
N LYS F 22 -19.72 60.22 1.19
CA LYS F 22 -19.54 59.18 0.19
C LYS F 22 -19.65 57.80 0.90
N SER F 23 -20.07 56.79 0.16
CA SER F 23 -20.21 55.42 0.73
C SER F 23 -19.49 54.44 -0.22
N ASN F 24 -18.67 54.94 -1.16
CA ASN F 24 -18.04 54.02 -2.11
C ASN F 24 -16.72 53.57 -1.45
N ILE F 25 -16.35 52.36 -1.79
CA ILE F 25 -15.11 51.76 -1.26
C ILE F 25 -13.94 52.03 -2.20
N LYS F 26 -12.93 52.75 -1.75
CA LYS F 26 -11.80 52.97 -2.65
C LYS F 26 -11.11 51.65 -3.06
N ASP F 27 -10.57 51.62 -4.27
CA ASP F 27 -9.82 50.44 -4.76
C ASP F 27 -8.70 50.04 -3.89
N GLN F 28 -8.10 50.99 -3.20
CA GLN F 28 -6.99 50.60 -2.29
C GLN F 28 -7.39 49.51 -1.30
N TYR F 29 -8.68 49.35 -0.99
CA TYR F 29 -9.07 48.39 0.05
C TYR F 29 -9.30 47.04 -0.57
N LYS F 30 -9.30 46.93 -1.91
CA LYS F 30 -9.66 45.64 -2.48
C LYS F 30 -8.81 44.42 -1.99
N PRO F 31 -7.47 44.58 -1.85
CA PRO F 31 -6.72 43.38 -1.44
C PRO F 31 -7.17 42.93 -0.03
N GLU F 32 -7.45 43.90 0.85
CA GLU F 32 -7.85 43.52 2.20
C GLU F 32 -9.21 42.88 2.16
N ILE F 33 -10.12 43.41 1.33
CA ILE F 33 -11.49 42.73 1.17
C ILE F 33 -11.29 41.32 0.68
N ALA F 34 -10.41 41.15 -0.30
CA ALA F 34 -10.17 39.80 -0.89
C ALA F 34 -9.62 38.85 0.20
N LYS F 35 -8.73 39.35 1.04
CA LYS F 35 -8.27 38.57 2.20
C LYS F 35 -9.37 38.17 3.16
N VAL F 36 -10.31 39.09 3.47
CA VAL F 36 -11.48 38.70 4.30
C VAL F 36 -12.20 37.59 3.59
N ALA F 37 -12.44 37.75 2.28
CA ALA F 37 -13.18 36.71 1.62
C ALA F 37 -12.42 35.37 1.61
N GLU F 38 -11.12 35.42 1.39
CA GLU F 38 -10.31 34.15 1.48
C GLU F 38 -10.52 33.45 2.83
N LYS F 39 -10.45 34.20 3.92
CA LYS F 39 -10.62 33.62 5.26
C LYS F 39 -12.05 33.20 5.53
N LEU F 40 -13.05 33.88 4.95
CA LEU F 40 -14.40 33.41 5.08
C LEU F 40 -14.63 32.09 4.36
N SER F 41 -13.88 31.85 3.33
CA SER F 41 -13.88 30.54 2.67
C SER F 41 -13.15 29.47 3.49
N GLU F 42 -12.00 29.82 4.03
CA GLU F 42 -11.22 28.87 4.92
C GLU F 42 -11.92 28.53 6.22
N TYR F 43 -12.84 29.39 6.70
CA TYR F 43 -13.58 29.25 7.99
C TYR F 43 -15.02 29.43 7.55
N PRO F 44 -15.55 28.40 6.89
CA PRO F 44 -16.88 28.56 6.30
C PRO F 44 -18.00 28.82 7.27
N ASN F 45 -17.82 28.63 8.56
CA ASN F 45 -18.79 29.06 9.54
C ASN F 45 -18.67 30.45 10.10
N ALA F 46 -17.60 31.16 9.71
CA ALA F 46 -17.31 32.48 10.26
C ALA F 46 -18.38 33.44 9.76
N THR F 47 -18.60 34.52 10.50
CA THR F 47 -19.60 35.51 10.15
C THR F 47 -18.94 36.92 10.33
N ALA F 48 -19.57 37.94 9.70
CA ALA F 48 -19.00 39.29 9.88
C ALA F 48 -20.08 40.24 10.41
N ARG F 49 -19.64 41.06 11.37
CA ARG F 49 -20.45 42.14 11.86
C ARG F 49 -19.88 43.41 11.24
N ILE F 50 -20.66 44.08 10.38
CA ILE F 50 -20.09 45.20 9.65
C ILE F 50 -20.83 46.42 10.16
N GLU F 51 -20.09 47.40 10.64
CA GLU F 51 -20.67 48.58 11.34
C GLU F 51 -20.18 49.87 10.69
N GLY F 52 -21.17 50.70 10.27
CA GLY F 52 -20.85 51.88 9.48
C GLY F 52 -21.17 53.09 10.34
N HIS F 53 -20.44 54.16 10.06
CA HIS F 53 -20.40 55.37 10.90
C HIS F 53 -20.26 56.63 10.02
N THR F 54 -20.65 57.79 10.61
CA THR F 54 -20.37 59.06 9.97
C THR F 54 -19.66 60.02 10.98
N ASP F 55 -19.15 61.13 10.47
CA ASP F 55 -18.78 62.17 11.37
C ASP F 55 -20.09 62.93 11.76
N ASN F 56 -19.99 63.94 12.61
CA ASN F 56 -21.23 64.54 13.17
C ASN F 56 -21.78 65.74 12.37
N THR F 57 -21.33 65.94 11.13
CA THR F 57 -21.81 67.06 10.32
C THR F 57 -23.06 66.61 9.56
N GLY F 58 -24.04 67.53 9.48
CA GLY F 58 -25.18 67.35 8.54
C GLY F 58 -26.33 66.84 9.34
N PRO F 59 -27.54 66.71 8.72
CA PRO F 59 -28.83 66.22 9.30
C PRO F 59 -28.74 64.83 9.86
N ARG F 60 -29.44 64.55 10.96
CA ARG F 60 -29.46 63.27 11.60
C ARG F 60 -29.86 62.09 10.69
N LYS F 61 -30.99 62.19 9.97
CA LYS F 61 -31.39 61.00 9.20
C LYS F 61 -30.49 60.73 8.01
N LEU F 62 -29.98 61.79 7.39
CA LEU F 62 -29.04 61.65 6.31
C LEU F 62 -27.81 60.80 6.81
N ASN F 63 -27.36 61.09 8.01
CA ASN F 63 -26.22 60.32 8.54
C ASN F 63 -26.58 58.93 9.00
N GLU F 64 -27.80 58.74 9.52
CA GLU F 64 -28.31 57.36 9.69
C GLU F 64 -28.26 56.58 8.40
N ARG F 65 -28.75 57.17 7.33
CA ARG F 65 -28.69 56.46 6.07
C ARG F 65 -27.27 56.22 5.53
N LEU F 66 -26.42 57.23 5.60
CA LEU F 66 -25.11 57.14 5.06
C LEU F 66 -24.30 56.06 5.86
N SER F 67 -24.43 56.04 7.18
CA SER F 67 -23.68 55.07 8.01
C SER F 67 -24.06 53.64 7.60
N LEU F 68 -25.38 53.41 7.35
CA LEU F 68 -25.78 52.11 6.87
C LEU F 68 -25.28 51.84 5.47
N ALA F 69 -25.38 52.84 4.57
CA ALA F 69 -24.89 52.67 3.19
C ALA F 69 -23.42 52.23 3.20
N ARG F 70 -22.58 52.85 4.06
CA ARG F 70 -21.15 52.50 4.08
C ARG F 70 -20.97 51.00 4.49
N ALA F 71 -21.73 50.55 5.47
CA ALA F 71 -21.65 49.16 5.86
C ALA F 71 -22.14 48.27 4.73
N ASN F 72 -23.25 48.64 4.06
CA ASN F 72 -23.77 47.80 2.97
C ASN F 72 -22.81 47.74 1.80
N SER F 73 -21.99 48.82 1.60
CA SER F 73 -21.02 48.75 0.51
C SER F 73 -20.00 47.64 0.71
N VAL F 74 -19.54 47.47 1.96
CA VAL F 74 -18.64 46.38 2.32
C VAL F 74 -19.32 45.07 2.17
N LYS F 75 -20.54 44.98 2.72
CA LYS F 75 -21.26 43.73 2.49
C LYS F 75 -21.43 43.44 0.98
N SER F 76 -21.81 44.45 0.20
CA SER F 76 -22.03 44.24 -1.22
C SER F 76 -20.76 43.72 -1.96
N ALA F 77 -19.61 44.26 -1.56
CA ALA F 77 -18.35 43.82 -2.18
C ALA F 77 -18.14 42.33 -1.89
N LEU F 78 -18.31 41.96 -0.62
CA LEU F 78 -18.12 40.58 -0.29
C LEU F 78 -19.10 39.65 -1.02
N VAL F 79 -20.35 40.02 -1.06
CA VAL F 79 -21.39 39.16 -1.71
C VAL F 79 -21.21 39.13 -3.21
N ASN F 80 -21.10 40.32 -3.84
CA ASN F 80 -21.21 40.40 -5.27
C ASN F 80 -19.86 40.14 -5.95
N GLU F 81 -18.75 40.53 -5.32
CA GLU F 81 -17.48 40.34 -5.99
C GLU F 81 -16.81 39.06 -5.55
N TYR F 82 -17.15 38.60 -4.32
CA TYR F 82 -16.43 37.44 -3.73
C TYR F 82 -17.37 36.24 -3.46
N ASN F 83 -18.65 36.38 -3.82
CA ASN F 83 -19.68 35.34 -3.68
C ASN F 83 -19.83 34.81 -2.29
N VAL F 84 -19.64 35.69 -1.31
CA VAL F 84 -19.90 35.30 0.04
C VAL F 84 -21.42 35.28 0.22
N ASP F 85 -21.98 34.25 0.89
CA ASP F 85 -23.35 34.22 1.22
C ASP F 85 -23.75 35.41 2.09
N ALA F 86 -24.74 36.16 1.62
CA ALA F 86 -25.17 37.37 2.30
C ALA F 86 -25.61 37.13 3.73
N SER F 87 -26.18 35.94 4.00
CA SER F 87 -26.70 35.68 5.34
C SER F 87 -25.56 35.61 6.36
N ARG F 88 -24.29 35.51 5.93
CA ARG F 88 -23.17 35.44 6.83
C ARG F 88 -22.73 36.84 7.37
N LEU F 89 -23.34 37.91 6.82
CA LEU F 89 -22.84 39.22 7.01
C LEU F 89 -23.97 40.13 7.51
N SER F 90 -23.74 40.73 8.68
CA SER F 90 -24.74 41.69 9.19
C SER F 90 -24.20 43.08 8.89
N THR F 91 -25.13 44.01 8.70
CA THR F 91 -24.81 45.44 8.53
C THR F 91 -25.63 46.29 9.45
N GLN F 92 -25.03 47.33 9.97
CA GLN F 92 -25.75 48.29 10.85
C GLN F 92 -25.06 49.61 10.74
N GLY F 93 -25.86 50.69 10.79
CA GLY F 93 -25.24 52.00 10.81
C GLY F 93 -25.49 52.70 12.09
N PHE F 94 -24.51 53.49 12.54
CA PHE F 94 -24.60 54.13 13.87
C PHE F 94 -24.64 55.65 13.79
N ALA F 95 -24.78 56.17 12.57
CA ALA F 95 -24.72 57.64 12.38
C ALA F 95 -23.47 58.14 13.12
N TRP F 96 -23.58 59.23 13.90
CA TRP F 96 -22.41 59.78 14.56
C TRP F 96 -22.36 59.37 16.03
N ASP F 97 -23.07 58.30 16.39
CA ASP F 97 -23.25 57.98 17.76
C ASP F 97 -22.05 57.34 18.37
N GLN F 98 -21.10 56.81 17.56
CA GLN F 98 -19.98 56.10 18.13
C GLN F 98 -18.65 56.66 17.57
N PRO F 99 -18.30 57.94 17.90
CA PRO F 99 -17.05 58.46 17.39
C PRO F 99 -15.84 57.69 17.91
N ILE F 100 -14.85 57.54 17.05
CA ILE F 100 -13.59 57.10 17.51
C ILE F 100 -12.68 58.27 17.76
N ALA F 101 -13.01 59.40 17.17
CA ALA F 101 -12.09 60.57 17.17
C ALA F 101 -12.98 61.81 17.41
N ASP F 102 -12.33 62.90 17.79
CA ASP F 102 -12.99 64.16 18.06
C ASP F 102 -13.37 64.85 16.75
N ASN F 103 -14.67 65.10 16.54
CA ASN F 103 -15.20 65.79 15.31
C ASN F 103 -14.80 67.26 15.06
N LYS F 104 -14.13 67.84 16.04
CA LYS F 104 -13.70 69.24 15.96
C LYS F 104 -12.58 69.46 14.96
N THR F 105 -11.88 68.39 14.53
CA THR F 105 -10.78 68.61 13.58
C THR F 105 -11.10 67.83 12.33
N LYS F 106 -10.48 68.25 11.23
CA LYS F 106 -10.70 67.58 9.97
C LYS F 106 -10.21 66.11 10.03
N GLU F 107 -9.10 65.88 10.77
CA GLU F 107 -8.54 64.53 10.81
C GLU F 107 -9.49 63.69 11.66
N GLY F 108 -10.10 64.26 12.68
CA GLY F 108 -11.01 63.51 13.60
C GLY F 108 -12.25 63.10 12.78
N ARG F 109 -12.80 64.03 11.98
CA ARG F 109 -14.02 63.66 11.21
C ARG F 109 -13.71 62.58 10.17
N ALA F 110 -12.55 62.70 9.51
CA ALA F 110 -12.06 61.71 8.57
C ALA F 110 -12.04 60.31 9.28
N MET F 111 -11.51 60.22 10.47
CA MET F 111 -11.45 58.86 11.16
C MET F 111 -12.83 58.37 11.49
N ASN F 112 -13.77 59.31 11.69
CA ASN F 112 -15.12 58.88 12.08
C ASN F 112 -15.93 58.37 10.91
N ARG F 113 -15.55 58.75 9.69
CA ARG F 113 -16.27 58.30 8.45
C ARG F 113 -15.75 56.92 8.09
N ARG F 114 -16.35 55.88 8.70
CA ARG F 114 -15.67 54.56 8.62
C ARG F 114 -16.64 53.39 8.72
N VAL F 115 -16.18 52.21 8.25
CA VAL F 115 -16.86 50.93 8.55
C VAL F 115 -15.79 50.10 9.26
N PHE F 116 -16.16 49.50 10.37
CA PHE F 116 -15.31 48.48 10.93
C PHE F 116 -16.09 47.18 10.75
N ALA F 117 -15.44 46.21 10.13
CA ALA F 117 -16.03 44.88 9.92
C ALA F 117 -15.24 43.90 10.81
N THR F 118 -15.92 43.23 11.73
CA THR F 118 -15.22 42.22 12.57
C THR F 118 -15.65 40.86 12.09
N ILE F 119 -14.70 39.95 11.81
CA ILE F 119 -14.99 38.65 11.22
C ILE F 119 -14.53 37.66 12.31
N THR F 120 -15.42 36.79 12.76
CA THR F 120 -15.02 35.83 13.84
C THR F 120 -15.67 34.49 13.42
N GLY F 121 -15.00 33.44 13.79
CA GLY F 121 -15.73 32.11 13.87
C GLY F 121 -14.63 31.06 13.99
N SER F 122 -15.04 29.81 13.99
CA SER F 122 -14.06 28.67 14.29
C SER F 122 -14.18 27.66 13.22
N ARG F 123 -13.11 26.88 13.03
CA ARG F 123 -13.16 25.67 12.20
C ARG F 123 -12.48 24.50 13.02
N SER G 2 -2.35 48.18 6.27
CA SER G 2 -2.47 48.83 7.59
C SER G 2 -3.96 49.11 7.89
N HIS G 3 -4.89 48.56 7.12
CA HIS G 3 -6.31 48.74 7.54
C HIS G 3 -6.97 47.41 7.91
N MET G 4 -6.17 46.35 8.12
CA MET G 4 -6.88 45.03 8.42
C MET G 4 -5.89 44.25 9.26
N GLU G 5 -6.32 43.70 10.38
CA GLU G 5 -5.41 42.68 11.03
C GLU G 5 -6.19 41.36 11.11
N LEU G 6 -5.48 40.26 11.31
CA LEU G 6 -6.04 38.94 11.15
C LEU G 6 -5.23 38.18 12.21
N THR G 7 -5.89 37.47 13.09
CA THR G 7 -5.18 36.41 13.89
C THR G 7 -5.96 35.11 13.85
N GLU G 8 -5.26 33.99 14.09
CA GLU G 8 -5.94 32.68 14.16
C GLU G 8 -5.39 32.06 15.42
N ASP G 9 -6.25 31.51 16.22
CA ASP G 9 -5.80 30.98 17.56
C ASP G 9 -6.04 29.48 17.47
N LEU G 10 -5.03 28.69 17.84
CA LEU G 10 -5.20 27.25 17.82
C LEU G 10 -5.48 26.76 19.24
N ASN G 11 -6.42 25.84 19.39
CA ASN G 11 -6.64 25.21 20.74
C ASN G 11 -6.85 23.74 20.50
N MET G 12 -5.99 22.89 21.07
CA MET G 12 -6.19 21.43 20.88
C MET G 12 -6.00 20.77 22.21
N GLU G 13 -6.65 19.60 22.31
CA GLU G 13 -6.50 18.74 23.47
C GLU G 13 -6.24 17.35 22.90
N LEU G 14 -5.27 16.63 23.46
CA LEU G 14 -5.02 15.26 23.03
C LEU G 14 -5.09 14.43 24.30
N ARG G 15 -5.79 13.29 24.27
CA ARG G 15 -5.83 12.41 25.44
C ARG G 15 -5.25 11.11 24.98
N VAL G 16 -4.32 10.54 25.75
CA VAL G 16 -3.70 9.24 25.34
C VAL G 16 -3.96 8.40 26.64
N PHE G 17 -4.44 7.16 26.49
CA PHE G 17 -4.65 6.30 27.70
C PHE G 17 -3.68 5.13 27.66
N PHE G 18 -3.39 4.57 28.85
CA PHE G 18 -2.31 3.62 28.98
C PHE G 18 -2.84 2.41 29.74
N ASP G 19 -2.18 1.28 29.43
CA ASP G 19 -2.36 0.09 30.23
C ASP G 19 -1.64 0.18 31.57
N THR G 20 -2.07 -0.66 32.50
CA THR G 20 -1.53 -0.64 33.80
C THR G 20 0.00 -0.86 33.82
N ASN G 21 0.65 0.02 34.61
CA ASN G 21 2.11 0.11 34.74
C ASN G 21 2.88 0.29 33.44
N LYS G 22 2.24 0.83 32.40
CA LYS G 22 2.88 0.97 31.15
C LYS G 22 2.84 2.44 30.65
N SER G 23 3.76 2.83 29.79
CA SER G 23 3.83 4.21 29.35
C SER G 23 4.00 4.19 27.81
N ASN G 24 3.72 3.05 27.19
CA ASN G 24 3.86 3.05 25.73
C ASN G 24 2.65 3.75 25.10
N ILE G 25 2.87 4.32 23.94
CA ILE G 25 1.73 4.91 23.19
C ILE G 25 1.25 3.90 22.14
N LYS G 26 0.00 3.45 22.27
CA LYS G 26 -0.51 2.38 21.38
C LYS G 26 -0.65 2.91 19.93
N ASP G 27 -0.60 2.02 18.97
CA ASP G 27 -0.67 2.44 17.60
C ASP G 27 -1.83 3.35 17.25
N GLN G 28 -2.99 3.15 17.88
CA GLN G 28 -4.18 3.88 17.44
C GLN G 28 -4.07 5.35 17.72
N TYR G 29 -3.08 5.74 18.54
CA TYR G 29 -2.98 7.21 18.86
C TYR G 29 -2.12 7.95 17.88
N LYS G 30 -1.39 7.23 17.02
CA LYS G 30 -0.45 7.90 16.13
C LYS G 30 -1.06 8.97 15.23
N PRO G 31 -2.24 8.71 14.64
CA PRO G 31 -2.74 9.82 13.80
C PRO G 31 -3.07 11.09 14.60
N GLU G 32 -3.48 10.96 15.86
CA GLU G 32 -3.81 12.21 16.63
C GLU G 32 -2.52 12.92 17.00
N ILE G 33 -1.51 12.15 17.38
CA ILE G 33 -0.19 12.74 17.58
C ILE G 33 0.34 13.40 16.31
N ALA G 34 0.16 12.77 15.16
CA ALA G 34 0.58 13.38 13.89
C ALA G 34 -0.18 14.74 13.68
N LYS G 35 -1.43 14.79 14.11
CA LYS G 35 -2.29 16.04 13.87
C LYS G 35 -1.75 17.13 14.74
N VAL G 36 -1.35 16.77 15.96
CA VAL G 36 -0.74 17.77 16.86
C VAL G 36 0.55 18.25 16.21
N ALA G 37 1.36 17.36 15.71
CA ALA G 37 2.62 17.83 15.15
C ALA G 37 2.34 18.77 13.98
N GLU G 38 1.33 18.44 13.19
CA GLU G 38 0.99 19.28 11.98
C GLU G 38 0.54 20.67 12.42
N LYS G 39 -0.30 20.76 13.45
CA LYS G 39 -0.74 22.05 13.91
C LYS G 39 0.38 22.84 14.56
N LEU G 40 1.29 22.17 15.27
CA LEU G 40 2.45 22.91 15.80
C LEU G 40 3.36 23.42 14.67
N SER G 41 3.41 22.73 13.54
CA SER G 41 4.12 23.22 12.42
C SER G 41 3.41 24.44 11.82
N GLU G 42 2.10 24.44 11.76
CA GLU G 42 1.33 25.53 11.20
C GLU G 42 1.28 26.72 12.08
N TYR G 43 1.52 26.54 13.38
CA TYR G 43 1.50 27.65 14.37
C TYR G 43 2.80 27.67 15.11
N PRO G 44 3.83 28.25 14.52
CA PRO G 44 5.19 28.33 15.09
C PRO G 44 5.25 28.80 16.51
N ASN G 45 4.31 29.66 16.97
CA ASN G 45 4.38 30.08 18.37
C ASN G 45 3.65 29.17 19.35
N ALA G 46 2.97 28.16 18.84
CA ALA G 46 2.19 27.32 19.73
C ALA G 46 3.15 26.38 20.56
N THR G 47 2.63 25.90 21.68
CA THR G 47 3.39 25.04 22.58
C THR G 47 2.41 24.03 23.11
N ALA G 48 2.96 23.00 23.77
CA ALA G 48 2.04 22.09 24.36
C ALA G 48 2.46 21.90 25.83
N ARG G 49 1.47 21.70 26.66
CA ARG G 49 1.69 21.36 28.06
C ARG G 49 1.13 19.94 28.24
N ILE G 50 2.05 18.98 28.53
CA ILE G 50 1.71 17.57 28.36
C ILE G 50 1.71 17.05 29.83
N GLU G 51 0.60 16.53 30.30
CA GLU G 51 0.52 16.24 31.77
C GLU G 51 0.14 14.77 31.92
N GLY G 52 0.90 13.98 32.73
CA GLY G 52 0.65 12.54 32.79
C GLY G 52 0.12 12.21 34.18
N HIS G 53 -0.60 11.08 34.24
CA HIS G 53 -1.41 10.71 35.40
C HIS G 53 -1.38 9.21 35.52
N THR G 54 -1.73 8.76 36.72
CA THR G 54 -1.86 7.37 37.00
C THR G 54 -3.16 7.13 37.70
N ASP G 55 -3.62 5.89 37.68
CA ASP G 55 -4.60 5.45 38.68
C ASP G 55 -3.94 5.36 40.08
N ASN G 56 -4.75 5.10 41.13
CA ASN G 56 -4.19 5.22 42.53
C ASN G 56 -3.67 3.91 43.10
N THR G 57 -3.38 2.94 42.24
CA THR G 57 -2.90 1.66 42.72
C THR G 57 -1.39 1.74 42.79
N GLY G 58 -0.82 1.12 43.84
CA GLY G 58 0.66 0.90 43.87
C GLY G 58 1.26 2.05 44.64
N PRO G 59 2.59 2.02 44.87
CA PRO G 59 3.32 2.99 45.74
C PRO G 59 3.34 4.41 45.16
N ARG G 60 3.34 5.42 46.06
CA ARG G 60 3.34 6.82 45.68
C ARG G 60 4.48 7.12 44.68
N LYS G 61 5.72 6.66 44.97
CA LYS G 61 6.81 7.12 44.13
C LYS G 61 6.78 6.46 42.76
N LEU G 62 6.36 5.20 42.70
CA LEU G 62 6.22 4.50 41.36
C LEU G 62 5.26 5.40 40.51
N ASN G 63 4.14 5.83 41.12
CA ASN G 63 3.15 6.60 40.36
C ASN G 63 3.64 8.00 40.01
N GLU G 64 4.33 8.67 40.92
CA GLU G 64 4.95 9.91 40.51
C GLU G 64 5.81 9.70 39.25
N ARG G 65 6.69 8.71 39.27
CA ARG G 65 7.56 8.53 38.14
C ARG G 65 6.82 8.05 36.92
N LEU G 66 5.87 7.14 37.10
CA LEU G 66 5.14 6.60 35.92
C LEU G 66 4.29 7.73 35.19
N SER G 67 3.66 8.62 35.96
CA SER G 67 2.87 9.74 35.39
C SER G 67 3.82 10.60 34.55
N LEU G 68 5.03 10.87 35.07
CA LEU G 68 6.01 11.69 34.32
C LEU G 68 6.49 10.89 33.12
N ALA G 69 6.74 9.60 33.28
CA ALA G 69 7.11 8.77 32.09
C ALA G 69 6.09 8.79 31.00
N ARG G 70 4.79 8.72 31.40
CA ARG G 70 3.78 8.79 30.36
C ARG G 70 3.79 10.14 29.62
N ALA G 71 4.02 11.24 30.33
CA ALA G 71 3.97 12.56 29.64
C ALA G 71 5.20 12.63 28.72
N ASN G 72 6.34 12.13 29.22
CA ASN G 72 7.55 12.03 28.45
C ASN G 72 7.46 11.12 27.25
N SER G 73 6.67 10.02 27.36
CA SER G 73 6.46 9.22 26.19
C SER G 73 5.73 10.00 25.04
N VAL G 74 4.71 10.79 25.41
CA VAL G 74 3.96 11.54 24.39
C VAL G 74 4.94 12.63 23.84
N LYS G 75 5.70 13.28 24.75
CA LYS G 75 6.70 14.21 24.27
C LYS G 75 7.64 13.53 23.25
N SER G 76 8.14 12.37 23.65
CA SER G 76 9.16 11.67 22.86
C SER G 76 8.61 11.26 21.50
N ALA G 77 7.34 10.89 21.43
CA ALA G 77 6.72 10.58 20.13
C ALA G 77 6.71 11.84 19.25
N LEU G 78 6.32 13.00 19.81
CA LEU G 78 6.34 14.23 19.05
C LEU G 78 7.74 14.63 18.56
N VAL G 79 8.73 14.60 19.44
CA VAL G 79 10.06 15.05 19.14
C VAL G 79 10.71 14.00 18.14
N ASN G 80 10.60 12.71 18.45
CA ASN G 80 11.33 11.68 17.63
C ASN G 80 10.59 11.20 16.36
N GLU G 81 9.30 10.97 16.45
CA GLU G 81 8.57 10.53 15.29
C GLU G 81 8.17 11.70 14.38
N TYR G 82 8.08 12.91 14.93
CA TYR G 82 7.40 14.01 14.15
C TYR G 82 8.24 15.21 14.07
N ASN G 83 9.44 15.11 14.62
CA ASN G 83 10.43 16.19 14.62
C ASN G 83 10.03 17.51 15.26
N VAL G 84 9.17 17.45 16.27
CA VAL G 84 8.75 18.72 16.92
C VAL G 84 9.87 19.17 17.77
N ASP G 85 10.11 20.46 17.83
CA ASP G 85 11.16 20.97 18.66
C ASP G 85 10.80 20.82 20.19
N ALA G 86 11.71 20.22 20.98
CA ALA G 86 11.37 19.79 22.40
C ALA G 86 11.11 20.93 23.28
N SER G 87 11.77 22.05 23.00
CA SER G 87 11.60 23.28 23.77
C SER G 87 10.16 23.88 23.69
N ARG G 88 9.31 23.34 22.80
CA ARG G 88 7.97 23.81 22.66
C ARG G 88 7.00 22.97 23.50
N LEU G 89 7.54 22.01 24.26
CA LEU G 89 6.72 21.00 24.90
C LEU G 89 7.14 20.85 26.33
N SER G 90 6.23 21.04 27.25
CA SER G 90 6.55 20.81 28.69
C SER G 90 5.92 19.47 29.10
N THR G 91 6.53 18.82 30.12
CA THR G 91 5.93 17.60 30.61
C THR G 91 5.88 17.67 32.13
N GLN G 92 4.89 17.08 32.68
CA GLN G 92 4.76 17.10 34.13
C GLN G 92 3.91 15.87 34.50
N GLY G 93 4.26 15.19 35.60
CA GLY G 93 3.44 14.07 36.08
C GLY G 93 2.69 14.50 37.35
N PHE G 94 1.47 14.02 37.51
CA PHE G 94 0.70 14.35 38.68
C PHE G 94 0.35 13.13 39.56
N ALA G 95 1.02 11.98 39.28
CA ALA G 95 0.71 10.75 40.01
C ALA G 95 -0.82 10.57 39.92
N TRP G 96 -1.45 10.21 41.04
CA TRP G 96 -2.84 9.95 41.04
C TRP G 96 -3.65 11.14 41.52
N ASP G 97 -3.04 12.33 41.49
CA ASP G 97 -3.61 13.51 42.19
C ASP G 97 -4.74 14.20 41.42
N GLN G 98 -4.91 13.87 40.14
CA GLN G 98 -5.99 14.50 39.35
C GLN G 98 -6.85 13.49 38.64
N PRO G 99 -7.63 12.65 39.38
CA PRO G 99 -8.44 11.69 38.76
C PRO G 99 -9.51 12.41 37.93
N ILE G 100 -9.87 11.75 36.84
CA ILE G 100 -11.11 12.05 36.10
C ILE G 100 -12.23 11.02 36.31
N ALA G 101 -11.94 9.92 37.02
CA ALA G 101 -12.93 8.89 37.26
C ALA G 101 -12.59 8.29 38.62
N ASP G 102 -13.59 7.63 39.21
CA ASP G 102 -13.40 6.92 40.47
C ASP G 102 -12.50 5.67 40.32
N ASN G 103 -11.41 5.61 41.10
CA ASN G 103 -10.51 4.48 41.10
C ASN G 103 -11.03 3.11 41.56
N LYS G 104 -12.29 3.05 42.00
CA LYS G 104 -12.89 1.81 42.61
C LYS G 104 -13.10 0.71 41.55
N THR G 105 -13.31 1.15 40.31
CA THR G 105 -13.64 0.22 39.20
C THR G 105 -12.51 0.11 38.15
N LYS G 106 -12.40 -1.05 37.49
CA LYS G 106 -11.46 -1.26 36.38
C LYS G 106 -11.58 -0.10 35.38
N GLU G 107 -12.84 0.25 35.08
CA GLU G 107 -13.14 1.17 34.00
C GLU G 107 -12.71 2.60 34.44
N GLY G 108 -12.87 2.93 35.70
CA GLY G 108 -12.56 4.30 36.14
C GLY G 108 -10.97 4.44 36.22
N ARG G 109 -10.31 3.37 36.62
CA ARG G 109 -8.80 3.34 36.71
C ARG G 109 -8.25 3.52 35.31
N ALA G 110 -8.83 2.78 34.34
CA ALA G 110 -8.46 2.94 32.94
C ALA G 110 -8.51 4.40 32.48
N MET G 111 -9.57 5.14 32.82
CA MET G 111 -9.63 6.55 32.50
C MET G 111 -8.56 7.44 33.14
N ASN G 112 -8.12 7.09 34.34
CA ASN G 112 -7.13 7.90 35.06
C ASN G 112 -5.73 7.64 34.55
N ARG G 113 -5.51 6.50 33.87
CA ARG G 113 -4.19 6.22 33.39
C ARG G 113 -4.04 6.93 32.01
N ARG G 114 -3.53 8.17 32.01
CA ARG G 114 -3.70 9.03 30.81
C ARG G 114 -2.67 10.10 30.80
N VAL G 115 -2.53 10.66 29.59
CA VAL G 115 -1.83 11.91 29.40
C VAL G 115 -2.88 12.85 28.78
N PHE G 116 -2.94 14.10 29.29
CA PHE G 116 -3.73 15.12 28.58
C PHE G 116 -2.68 16.14 28.12
N ALA G 117 -2.73 16.52 26.85
CA ALA G 117 -1.83 17.56 26.31
C ALA G 117 -2.73 18.67 25.82
N THR G 118 -2.40 19.90 26.22
CA THR G 118 -3.11 21.09 25.75
C THR G 118 -2.15 21.84 24.86
N ILE G 119 -2.63 22.21 23.66
CA ILE G 119 -1.75 22.79 22.65
C ILE G 119 -2.43 24.12 22.31
N THR G 120 -1.74 25.23 22.51
CA THR G 120 -2.38 26.50 22.18
C THR G 120 -1.34 27.38 21.56
N GLY G 121 -1.83 28.36 20.78
CA GLY G 121 -0.85 29.25 20.12
C GLY G 121 -1.70 30.12 19.18
N SER G 122 -1.05 31.04 18.51
CA SER G 122 -1.87 31.95 17.61
C SER G 122 -0.90 32.27 16.49
N ARG G 123 -1.41 32.69 15.32
CA ARG G 123 -0.51 33.18 14.29
C ARG G 123 -1.22 34.38 13.60
N HIS H 3 20.38 -36.42 8.85
CA HIS H 3 18.88 -36.35 8.73
C HIS H 3 18.52 -35.57 7.51
N MET H 4 19.51 -35.31 6.66
CA MET H 4 19.24 -34.51 5.45
C MET H 4 20.24 -34.90 4.37
N GLU H 5 19.74 -35.11 3.16
CA GLU H 5 20.71 -35.24 2.04
C GLU H 5 20.24 -34.43 0.88
N LEU H 6 21.18 -34.01 0.06
CA LEU H 6 20.69 -33.28 -1.12
C LEU H 6 21.68 -33.43 -2.26
N THR H 7 21.13 -33.22 -3.42
CA THR H 7 21.90 -33.29 -4.67
C THR H 7 21.48 -32.12 -5.49
N GLU H 8 22.42 -31.62 -6.30
CA GLU H 8 22.08 -30.59 -7.29
C GLU H 8 22.71 -31.08 -8.59
N ASP H 9 21.94 -31.14 -9.70
CA ASP H 9 22.30 -31.68 -11.00
C ASP H 9 22.40 -30.54 -11.98
N LEU H 10 23.56 -30.44 -12.61
CA LEU H 10 23.71 -29.40 -13.66
C LEU H 10 23.46 -29.98 -15.04
N ASN H 11 22.61 -29.36 -15.88
CA ASN H 11 22.49 -29.81 -17.26
C ASN H 11 22.46 -28.58 -18.11
N MET H 12 23.43 -28.46 -19.02
CA MET H 12 23.49 -27.24 -19.84
C MET H 12 23.71 -27.56 -21.28
N GLU H 13 23.19 -26.70 -22.17
CA GLU H 13 23.42 -26.90 -23.58
C GLU H 13 23.90 -25.53 -24.10
N LEU H 14 25.02 -25.54 -24.78
CA LEU H 14 25.73 -24.30 -25.28
C LEU H 14 25.61 -24.48 -26.79
N ARG H 15 25.09 -23.47 -27.49
CA ARG H 15 25.17 -23.52 -28.93
C ARG H 15 25.94 -22.29 -29.47
N VAL H 16 26.97 -22.52 -30.28
CA VAL H 16 27.84 -21.50 -30.89
C VAL H 16 27.68 -21.62 -32.39
N PHE H 17 27.61 -20.49 -33.10
CA PHE H 17 27.42 -20.54 -34.56
C PHE H 17 28.59 -19.82 -35.26
N PHE H 18 28.79 -20.19 -36.51
CA PHE H 18 30.05 -19.82 -37.21
C PHE H 18 29.71 -19.27 -38.55
N ASP H 19 30.58 -18.37 -39.03
CA ASP H 19 30.48 -17.92 -40.44
C ASP H 19 31.00 -18.99 -41.37
N THR H 20 30.65 -18.87 -42.64
CA THR H 20 30.96 -19.92 -43.62
C THR H 20 32.48 -20.05 -43.70
N ASN H 21 32.97 -21.29 -43.64
CA ASN H 21 34.41 -21.65 -43.72
C ASN H 21 35.27 -21.14 -42.55
N LYS H 22 34.65 -20.76 -41.45
CA LYS H 22 35.41 -20.25 -40.34
C LYS H 22 35.19 -21.10 -39.07
N SER H 23 36.22 -21.12 -38.23
CA SER H 23 36.02 -21.80 -36.92
C SER H 23 36.45 -20.89 -35.77
N ASN H 24 36.50 -19.56 -36.02
CA ASN H 24 36.77 -18.65 -34.91
C ASN H 24 35.50 -18.46 -34.05
N ILE H 25 35.71 -18.15 -32.78
CA ILE H 25 34.57 -17.87 -31.91
C ILE H 25 34.27 -16.36 -31.98
N LYS H 26 33.13 -16.00 -32.47
CA LYS H 26 32.74 -14.58 -32.54
C LYS H 26 32.50 -14.08 -31.12
N ASP H 27 32.82 -12.80 -30.93
CA ASP H 27 32.65 -12.17 -29.61
C ASP H 27 31.28 -12.33 -28.94
N GLN H 28 30.23 -12.37 -29.72
CA GLN H 28 28.92 -12.43 -29.17
C GLN H 28 28.67 -13.73 -28.39
N TYR H 29 29.49 -14.77 -28.67
CA TYR H 29 29.32 -16.04 -27.94
C TYR H 29 30.10 -16.14 -26.69
N LYS H 30 31.02 -15.20 -26.44
CA LYS H 30 31.82 -15.27 -25.21
C LYS H 30 31.02 -15.27 -23.88
N PRO H 31 29.97 -14.45 -23.80
CA PRO H 31 29.24 -14.51 -22.55
C PRO H 31 28.67 -15.91 -22.19
N GLU H 32 28.27 -16.66 -23.22
CA GLU H 32 27.66 -17.98 -22.99
C GLU H 32 28.81 -18.96 -22.63
N ILE H 33 29.94 -18.78 -23.28
CA ILE H 33 31.11 -19.65 -23.01
C ILE H 33 31.64 -19.35 -21.61
N ALA H 34 31.61 -18.05 -21.21
CA ALA H 34 32.02 -17.70 -19.83
C ALA H 34 31.10 -18.38 -18.75
N LYS H 35 29.82 -18.41 -19.06
CA LYS H 35 28.81 -18.99 -18.18
C LYS H 35 29.03 -20.53 -18.05
N VAL H 36 29.25 -21.17 -19.19
CA VAL H 36 29.73 -22.56 -19.12
C VAL H 36 30.96 -22.78 -18.22
N ALA H 37 31.99 -21.98 -18.41
CA ALA H 37 33.19 -22.11 -17.53
C ALA H 37 32.85 -21.92 -16.05
N GLU H 38 31.97 -20.98 -15.79
CA GLU H 38 31.52 -20.72 -14.44
C GLU H 38 30.84 -21.98 -13.84
N LYS H 39 29.91 -22.54 -14.58
CA LYS H 39 29.19 -23.74 -14.06
C LYS H 39 30.10 -24.93 -13.98
N LEU H 40 31.06 -25.06 -14.92
CA LEU H 40 32.07 -26.13 -14.76
C LEU H 40 32.91 -25.97 -13.47
N SER H 41 33.19 -24.75 -13.07
CA SER H 41 33.98 -24.65 -11.79
C SER H 41 33.09 -24.90 -10.56
N GLU H 42 31.80 -24.60 -10.65
CA GLU H 42 30.84 -24.86 -9.56
C GLU H 42 30.53 -26.32 -9.35
N TYR H 43 30.66 -27.12 -10.41
CA TYR H 43 30.39 -28.55 -10.38
C TYR H 43 31.65 -29.28 -10.86
N PRO H 44 32.56 -29.57 -9.94
CA PRO H 44 33.94 -29.99 -10.30
C PRO H 44 33.89 -31.33 -11.02
N ASN H 45 32.86 -32.12 -10.80
CA ASN H 45 32.77 -33.38 -11.63
C ASN H 45 32.13 -33.23 -13.02
N ALA H 46 31.58 -32.06 -13.33
CA ALA H 46 30.94 -31.84 -14.65
C ALA H 46 31.93 -31.99 -15.82
N THR H 47 31.42 -32.54 -16.91
CA THR H 47 32.20 -32.67 -18.10
C THR H 47 31.34 -32.10 -19.22
N ALA H 48 32.00 -31.83 -20.32
CA ALA H 48 31.35 -31.26 -21.54
C ALA H 48 31.67 -32.11 -22.75
N ARG H 49 30.65 -32.45 -23.52
CA ARG H 49 30.86 -33.10 -24.80
C ARG H 49 30.60 -32.05 -25.89
N ILE H 50 31.64 -31.65 -26.63
CA ILE H 50 31.48 -30.54 -27.55
C ILE H 50 31.49 -31.11 -28.93
N GLU H 51 30.49 -30.79 -29.80
CA GLU H 51 30.27 -31.46 -31.06
C GLU H 51 30.16 -30.38 -32.14
N GLY H 52 31.04 -30.46 -33.12
CA GLY H 52 31.10 -29.44 -34.23
C GLY H 52 30.40 -29.98 -35.46
N HIS H 53 29.95 -29.03 -36.24
CA HIS H 53 29.14 -29.31 -37.44
C HIS H 53 29.39 -28.31 -38.52
N THR H 54 28.93 -28.67 -39.71
CA THR H 54 29.03 -27.77 -40.83
C THR H 54 27.69 -27.77 -41.54
N ASP H 55 27.48 -26.75 -42.38
CA ASP H 55 26.46 -26.94 -43.41
C ASP H 55 26.94 -27.91 -44.51
N ASN H 56 26.07 -28.24 -45.44
CA ASN H 56 26.40 -29.27 -46.38
C ASN H 56 27.09 -28.79 -47.66
N THR H 57 27.60 -27.57 -47.65
CA THR H 57 28.28 -27.02 -48.85
C THR H 57 29.78 -27.31 -48.89
N GLY H 58 30.33 -27.53 -50.11
CA GLY H 58 31.75 -27.77 -50.24
C GLY H 58 32.18 -29.23 -50.06
N PRO H 59 33.44 -29.46 -50.20
CA PRO H 59 33.77 -30.85 -50.28
C PRO H 59 33.85 -31.55 -48.87
N ARG H 60 33.78 -32.87 -48.92
CA ARG H 60 33.57 -33.65 -47.69
C ARG H 60 34.72 -33.43 -46.69
N LYS H 61 35.97 -33.67 -47.14
CA LYS H 61 37.09 -33.65 -46.16
C LYS H 61 37.24 -32.26 -45.55
N LEU H 62 37.09 -31.20 -46.35
CA LEU H 62 37.12 -29.82 -45.79
C LEU H 62 36.14 -29.72 -44.64
N ASN H 63 34.95 -30.30 -44.80
CA ASN H 63 33.89 -30.19 -43.79
C ASN H 63 34.11 -31.09 -42.57
N GLU H 64 34.69 -32.25 -42.80
CA GLU H 64 35.11 -33.10 -41.68
C GLU H 64 36.08 -32.30 -40.79
N ARG H 65 37.08 -31.66 -41.43
CA ARG H 65 38.08 -30.97 -40.68
C ARG H 65 37.50 -29.75 -40.02
N LEU H 66 36.68 -29.03 -40.76
CA LEU H 66 36.09 -27.78 -40.25
C LEU H 66 35.18 -28.07 -39.05
N SER H 67 34.40 -29.14 -39.14
CA SER H 67 33.53 -29.48 -37.99
C SER H 67 34.33 -29.73 -36.70
N LEU H 68 35.44 -30.43 -36.83
CA LEU H 68 36.28 -30.72 -35.67
C LEU H 68 36.99 -29.46 -35.24
N ALA H 69 37.41 -28.64 -36.20
CA ALA H 69 38.12 -27.41 -35.80
C ALA H 69 37.13 -26.54 -35.05
N ARG H 70 35.83 -26.53 -35.42
CA ARG H 70 34.92 -25.67 -34.73
C ARG H 70 34.81 -26.17 -33.26
N ALA H 71 34.66 -27.50 -33.09
CA ALA H 71 34.55 -28.05 -31.71
C ALA H 71 35.83 -27.68 -30.88
N ASN H 72 36.97 -27.86 -31.57
CA ASN H 72 38.27 -27.65 -30.88
C ASN H 72 38.46 -26.16 -30.55
N SER H 73 37.90 -25.27 -31.39
CA SER H 73 37.98 -23.85 -31.09
C SER H 73 37.20 -23.49 -29.82
N VAL H 74 36.05 -24.15 -29.62
CA VAL H 74 35.29 -23.97 -28.39
C VAL H 74 36.03 -24.50 -27.19
N LYS H 75 36.65 -25.68 -27.34
CA LYS H 75 37.42 -26.22 -26.20
C LYS H 75 38.58 -25.27 -25.92
N SER H 76 39.23 -24.80 -26.97
CA SER H 76 40.41 -23.93 -26.77
C SER H 76 39.97 -22.66 -26.04
N ALA H 77 38.85 -22.09 -26.39
CA ALA H 77 38.43 -20.85 -25.73
C ALA H 77 38.16 -21.14 -24.18
N LEU H 78 37.48 -22.25 -23.86
CA LEU H 78 37.32 -22.61 -22.46
C LEU H 78 38.62 -22.79 -21.68
N VAL H 79 39.56 -23.50 -22.31
CA VAL H 79 40.79 -23.77 -21.65
C VAL H 79 41.68 -22.50 -21.56
N ASN H 80 41.94 -21.83 -22.68
CA ASN H 80 42.97 -20.79 -22.74
C ASN H 80 42.44 -19.47 -22.23
N GLU H 81 41.12 -19.25 -22.37
CA GLU H 81 40.55 -17.94 -21.99
C GLU H 81 39.83 -18.05 -20.64
N TYR H 82 39.31 -19.22 -20.28
CA TYR H 82 38.50 -19.31 -19.09
C TYR H 82 39.07 -20.29 -18.11
N ASN H 83 40.30 -20.75 -18.34
CA ASN H 83 41.00 -21.59 -17.38
C ASN H 83 40.33 -22.91 -17.06
N VAL H 84 39.53 -23.44 -17.98
CA VAL H 84 38.89 -24.74 -17.67
C VAL H 84 39.88 -25.88 -17.90
N ASP H 85 39.87 -26.94 -17.02
CA ASP H 85 40.65 -28.12 -17.16
C ASP H 85 40.29 -28.82 -18.48
N ALA H 86 41.29 -28.96 -19.38
CA ALA H 86 41.08 -29.55 -20.73
C ALA H 86 40.58 -31.02 -20.70
N SER H 87 40.95 -31.73 -19.63
CA SER H 87 40.58 -33.11 -19.48
C SER H 87 39.08 -33.30 -19.22
N ARG H 88 38.33 -32.23 -18.91
CA ARG H 88 36.88 -32.34 -18.70
C ARG H 88 36.10 -32.17 -20.02
N LEU H 89 36.79 -31.98 -21.10
CA LEU H 89 36.12 -31.50 -22.36
C LEU H 89 36.48 -32.46 -23.48
N SER H 90 35.48 -33.01 -24.14
CA SER H 90 35.80 -33.85 -25.30
C SER H 90 35.31 -33.10 -26.56
N THR H 91 35.97 -33.42 -27.67
CA THR H 91 35.56 -32.77 -28.94
C THR H 91 35.34 -33.78 -30.02
N GLN H 92 34.42 -33.51 -30.93
CA GLN H 92 34.19 -34.43 -32.09
C GLN H 92 33.58 -33.63 -33.18
N GLY H 93 33.94 -33.90 -34.44
CA GLY H 93 33.27 -33.21 -35.59
C GLY H 93 32.36 -34.19 -36.32
N PHE H 94 31.24 -33.72 -36.86
CA PHE H 94 30.34 -34.59 -37.59
C PHE H 94 30.09 -34.12 -38.99
N ALA H 95 30.93 -33.22 -39.48
CA ALA H 95 30.79 -32.67 -40.83
C ALA H 95 29.32 -32.21 -40.95
N TRP H 96 28.63 -32.58 -42.04
CA TRP H 96 27.28 -32.02 -42.28
C TRP H 96 26.30 -33.16 -42.00
N ASP H 97 26.78 -34.19 -41.27
CA ASP H 97 25.94 -35.39 -41.08
C ASP H 97 24.69 -35.27 -40.16
N GLN H 98 24.64 -34.26 -39.30
CA GLN H 98 23.56 -34.04 -38.33
C GLN H 98 22.97 -32.66 -38.48
N PRO H 99 22.32 -32.38 -39.64
CA PRO H 99 21.68 -31.10 -39.80
C PRO H 99 20.61 -30.82 -38.74
N ILE H 100 20.51 -29.60 -38.25
CA ILE H 100 19.32 -29.25 -37.44
C ILE H 100 18.33 -28.34 -38.23
N ALA H 101 18.69 -27.96 -39.46
CA ALA H 101 17.87 -27.05 -40.26
C ALA H 101 18.20 -27.34 -41.70
N ASP H 102 17.52 -26.61 -42.55
CA ASP H 102 17.37 -27.01 -43.90
C ASP H 102 18.51 -26.36 -44.68
N ASN H 103 19.38 -27.16 -45.30
CA ASN H 103 20.58 -26.56 -45.97
C ASN H 103 20.19 -25.79 -47.24
N LYS H 104 18.93 -25.93 -47.62
CA LYS H 104 18.41 -25.27 -48.83
C LYS H 104 18.16 -23.78 -48.69
N THR H 105 18.17 -23.30 -47.45
CA THR H 105 18.01 -21.87 -47.19
C THR H 105 19.28 -21.34 -46.52
N LYS H 106 19.55 -20.05 -46.73
CA LYS H 106 20.64 -19.36 -46.09
C LYS H 106 20.52 -19.45 -44.56
N GLU H 107 19.30 -19.27 -44.05
CA GLU H 107 19.06 -19.29 -42.63
C GLU H 107 19.31 -20.71 -42.11
N GLY H 108 19.00 -21.77 -42.88
CA GLY H 108 19.14 -23.14 -42.30
C GLY H 108 20.64 -23.54 -42.30
N ARG H 109 21.34 -23.19 -43.38
CA ARG H 109 22.84 -23.35 -43.41
C ARG H 109 23.49 -22.62 -42.23
N ALA H 110 23.04 -21.40 -41.90
CA ALA H 110 23.63 -20.70 -40.76
C ALA H 110 23.42 -21.50 -39.47
N MET H 111 22.19 -22.02 -39.29
CA MET H 111 21.85 -22.82 -38.06
C MET H 111 22.74 -24.10 -38.04
N ASN H 112 23.05 -24.67 -39.23
CA ASN H 112 23.87 -25.94 -39.26
C ASN H 112 25.31 -25.70 -38.93
N ARG H 113 25.79 -24.47 -39.14
CA ARG H 113 27.18 -24.16 -38.91
C ARG H 113 27.37 -23.87 -37.44
N ARG H 114 27.63 -24.92 -36.62
CA ARG H 114 27.44 -24.72 -35.18
C ARG H 114 28.28 -25.70 -34.39
N VAL H 115 28.44 -25.36 -33.12
CA VAL H 115 28.97 -26.34 -32.15
C VAL H 115 27.88 -26.45 -31.13
N PHE H 116 27.52 -27.67 -30.74
CA PHE H 116 26.56 -27.84 -29.63
C PHE H 116 27.41 -28.54 -28.55
N ALA H 117 27.37 -28.01 -27.34
CA ALA H 117 28.11 -28.59 -26.19
C ALA H 117 27.08 -29.00 -25.17
N THR H 118 27.15 -30.24 -24.67
CA THR H 118 26.26 -30.67 -23.57
C THR H 118 27.12 -30.80 -22.34
N ILE H 119 26.73 -30.16 -21.25
CA ILE H 119 27.47 -30.15 -19.99
C ILE H 119 26.57 -30.83 -18.92
N THR H 120 27.08 -31.85 -18.21
CA THR H 120 26.29 -32.57 -17.15
C THR H 120 27.20 -32.66 -15.97
N GLY H 121 26.68 -32.44 -14.77
CA GLY H 121 27.44 -32.71 -13.58
C GLY H 121 26.48 -32.78 -12.41
N SER H 122 27.06 -33.10 -11.27
CA SER H 122 26.23 -33.11 -10.04
C SER H 122 27.13 -32.79 -8.90
N ARG H 123 26.51 -32.27 -7.85
CA ARG H 123 27.23 -32.03 -6.61
C ARG H 123 26.31 -32.31 -5.39
#